data_8BE4
#
_entry.id   8BE4
#
_cell.length_a   127.675
_cell.length_b   127.675
_cell.length_c   152.093
_cell.angle_alpha   90.000
_cell.angle_beta   90.000
_cell.angle_gamma   90.000
#
_symmetry.space_group_name_H-M   'I 4'
#
loop_
_entity.id
_entity.type
_entity.pdbx_description
1 polymer 'Son of sevenless homolog 1'
2 polymer 'Isoform 2B of GTPase KRas'
3 polymer Nanobody14
4 water water
#
loop_
_entity_poly.entity_id
_entity_poly.type
_entity_poly.pdbx_seq_one_letter_code
_entity_poly.pdbx_strand_id
1 'polypeptide(L)'
;MGSSHHHHHHSSGLVPRGSHMEEQMRLPSADVYRFAEPDSEENIIFEENMQPKAGIPIIKAGTVIKLIERLTYHMYADPN
FVRTFLTTYRSFCKPQELLSLIIERFEIPEPEPTEADRIAIENGDQPLSAELKRFRKEYIQPVQLRVLNVCRHWVEHHFY
DFERDAYLLQRMEEFIGTVRGKAMKKWVESITKIIQRKKIARDNGPGHNITFQSSPPTVEWHISRPGHIETFDLLTLHPI
EIARQLTLLESDLYRAVQPSELVGSVWTKEDKEINSPNLLKMIRHTTNLTLWFEKCIVETENLEERVAVVSRIIEILQVF
QELNNFNGVLEVVSAMNSSPVYRLDHTFEQIPSRQKKILEEAHELSEDHYKKYLAKLRSINPPCVPFFGIYLTNILKTEE
GNPEVLKRHGKELINFSKRRKVAEITGEIQQYQNQPYCLRVESDIKRFFENLNPMGNSMEKEFTDYLFNKSLEIEPRNPK
PLPRFPKKYSYPLKSPGVRPSNPRPGT
;
S
2 'polypeptide(L)'
;MGSSHHHHHHSSGENLYFQGSMTEYKLVVVGAVGVGKSALTIQLIQNHFVDEYDPTIEDSYRKQVVIDGETCLLDILDTA
GQEEYSAMRDQYMRTGEGFLCVFAINNTKSFEDIHHYREQIKRVKDSEDVPMVLVGNKCDLPSRTVDTKQAQDLARSYGI
PFIETSAKTRQGVDDAFYTLVREIRKHKEK
;
R
3 'polypeptide(L)'
;QVQLVESGGGLVQAGGSLRLSCAASRSSFTINRMGWYRQAPGKQRELVADITSGGNRNYADSVKGRFTIARDNAKNTAYL
QMNSLKPEDTAVYYCNAKIHPWSVADLWGQGTQVTVSSHHHHHHEPEA
;
C000
#
# COMPACT_ATOMS: atom_id res chain seq x y z
N PRO A 28 10.43 0.81 -49.94
CA PRO A 28 11.85 1.16 -49.91
C PRO A 28 12.69 0.05 -50.51
N SER A 29 13.36 -0.69 -49.63
CA SER A 29 14.13 -1.85 -50.03
C SER A 29 13.22 -3.06 -50.17
N ALA A 30 13.75 -4.05 -50.86
CA ALA A 30 13.06 -5.28 -51.01
C ALA A 30 13.19 -6.03 -49.70
N ASP A 31 12.65 -7.24 -49.73
CA ASP A 31 12.74 -8.04 -48.58
C ASP A 31 13.89 -8.97 -48.47
N VAL A 32 14.98 -8.26 -48.33
CA VAL A 32 16.26 -8.71 -47.87
C VAL A 32 16.58 -7.71 -46.71
N TYR A 33 15.61 -6.93 -46.23
CA TYR A 33 15.69 -6.01 -45.17
C TYR A 33 14.33 -6.27 -44.56
N ARG A 34 14.31 -6.89 -43.41
CA ARG A 34 13.07 -7.33 -42.76
C ARG A 34 12.19 -6.15 -42.33
N PHE A 35 12.80 -5.00 -42.05
CA PHE A 35 12.01 -3.85 -41.58
C PHE A 35 11.17 -3.22 -42.70
N ALA A 36 11.29 -3.63 -43.94
CA ALA A 36 10.52 -2.99 -45.01
C ALA A 36 9.17 -3.66 -45.28
N GLU A 37 8.86 -4.72 -44.57
CA GLU A 37 7.60 -5.41 -44.79
C GLU A 37 6.45 -4.44 -44.51
N PRO A 38 5.41 -4.44 -45.33
CA PRO A 38 4.33 -3.45 -45.15
C PRO A 38 3.59 -3.66 -43.83
N ASP A 39 3.18 -2.54 -43.20
CA ASP A 39 2.29 -2.61 -42.04
C ASP A 39 1.02 -3.37 -42.39
N SER A 40 0.54 -4.18 -41.45
CA SER A 40 -0.78 -4.80 -41.55
C SER A 40 -1.33 -5.05 -40.16
N GLU A 41 -2.60 -5.43 -40.10
N GLU A 41 -2.60 -5.43 -40.11
CA GLU A 41 -3.20 -5.77 -38.82
CA GLU A 41 -3.20 -5.77 -38.83
C GLU A 41 -2.49 -6.94 -38.16
C GLU A 41 -2.49 -6.94 -38.17
N GLU A 42 -1.71 -7.74 -38.91
CA GLU A 42 -1.04 -8.86 -38.27
C GLU A 42 0.43 -8.57 -37.90
N ASN A 43 0.90 -7.31 -37.98
CA ASN A 43 2.22 -7.01 -37.43
C ASN A 43 2.30 -5.70 -36.63
N ILE A 44 1.29 -4.83 -36.64
CA ILE A 44 1.32 -3.59 -35.88
C ILE A 44 -0.11 -3.15 -35.64
N ILE A 45 -0.40 -2.70 -34.41
CA ILE A 45 -1.68 -2.14 -34.01
C ILE A 45 -1.43 -0.83 -33.29
N PHE A 46 -2.21 0.18 -33.63
CA PHE A 46 -2.10 1.50 -33.03
C PHE A 46 -3.19 1.70 -31.96
N GLU A 47 -2.88 2.53 -30.97
CA GLU A 47 -3.91 3.03 -30.08
C GLU A 47 -4.81 3.99 -30.84
N GLU A 48 -6.10 3.85 -30.63
CA GLU A 48 -7.11 4.67 -31.25
C GLU A 48 -7.69 5.72 -30.32
N ASN A 49 -7.44 5.62 -29.04
CA ASN A 49 -7.95 6.65 -28.15
C ASN A 49 -6.92 7.74 -27.95
N GLY A 55 -0.54 13.44 -31.27
CA GLY A 55 0.50 13.92 -32.15
C GLY A 55 0.95 12.65 -32.85
N ILE A 56 2.05 12.12 -32.42
CA ILE A 56 2.74 10.91 -32.90
C ILE A 56 1.83 9.67 -32.75
N PRO A 57 1.81 8.70 -33.68
CA PRO A 57 1.07 7.45 -33.39
C PRO A 57 1.65 6.77 -32.16
N ILE A 58 0.76 6.21 -31.35
CA ILE A 58 1.13 5.43 -30.16
C ILE A 58 0.91 3.94 -30.48
N ILE A 59 1.95 3.13 -30.36
CA ILE A 59 1.82 1.73 -30.74
C ILE A 59 1.20 0.93 -29.61
N LYS A 60 0.11 0.22 -29.92
CA LYS A 60 -0.50 -0.68 -28.93
C LYS A 60 0.19 -2.03 -28.92
N ALA A 61 0.53 -2.57 -30.08
CA ALA A 61 1.20 -3.86 -30.17
C ALA A 61 1.94 -3.99 -31.51
N GLY A 62 2.92 -4.86 -31.53
CA GLY A 62 3.61 -5.13 -32.80
C GLY A 62 4.59 -6.26 -32.66
N THR A 63 4.95 -6.83 -33.81
CA THR A 63 6.13 -7.72 -33.81
C THR A 63 7.36 -6.93 -33.34
N VAL A 64 8.42 -7.63 -32.84
CA VAL A 64 9.56 -6.84 -32.38
C VAL A 64 10.19 -6.10 -33.56
N ILE A 65 10.08 -6.65 -34.77
CA ILE A 65 10.60 -5.96 -35.96
C ILE A 65 9.86 -4.64 -36.19
N LYS A 66 8.53 -4.66 -36.06
CA LYS A 66 7.80 -3.39 -36.23
C LYS A 66 8.06 -2.42 -35.08
N LEU A 67 8.20 -2.92 -33.84
CA LEU A 67 8.52 -2.02 -32.75
C LEU A 67 9.84 -1.32 -33.01
N ILE A 68 10.84 -2.06 -33.46
N ILE A 68 10.84 -2.08 -33.45
CA ILE A 68 12.13 -1.40 -33.67
CA ILE A 68 12.16 -1.51 -33.74
C ILE A 68 12.08 -0.48 -34.90
C ILE A 68 12.06 -0.49 -34.88
N GLU A 69 11.30 -0.83 -35.92
CA GLU A 69 11.11 0.10 -37.05
C GLU A 69 10.54 1.43 -36.58
N ARG A 70 9.48 1.38 -35.76
CA ARG A 70 8.87 2.63 -35.29
C ARG A 70 9.73 3.34 -34.25
N LEU A 71 10.55 2.58 -33.53
CA LEU A 71 11.52 3.17 -32.60
C LEU A 71 12.56 4.03 -33.33
N THR A 72 12.82 3.73 -34.60
CA THR A 72 13.83 4.42 -35.40
C THR A 72 13.20 4.85 -36.74
N TYR A 73 11.96 5.36 -36.68
CA TYR A 73 11.14 5.59 -37.85
C TYR A 73 11.69 6.72 -38.73
N HIS A 74 11.51 6.59 -40.06
CA HIS A 74 12.08 7.65 -40.92
C HIS A 74 11.23 8.91 -40.98
N MET A 75 9.93 8.85 -40.62
CA MET A 75 9.05 10.00 -40.85
C MET A 75 8.97 11.00 -39.73
N TYR A 76 9.40 10.66 -38.51
CA TYR A 76 9.26 11.57 -37.37
C TYR A 76 10.12 11.02 -36.23
N ALA A 77 10.53 11.92 -35.34
CA ALA A 77 11.18 11.57 -34.08
C ALA A 77 10.12 11.10 -33.09
N ASP A 78 10.52 10.26 -32.13
CA ASP A 78 9.58 9.75 -31.13
C ASP A 78 10.31 9.59 -29.80
N PRO A 79 10.71 10.69 -29.17
CA PRO A 79 11.54 10.55 -27.94
C PRO A 79 10.81 9.82 -26.84
N ASN A 80 9.48 9.94 -26.76
CA ASN A 80 8.78 9.26 -25.67
C ASN A 80 8.85 7.76 -25.83
N PHE A 81 8.69 7.27 -27.07
CA PHE A 81 8.80 5.83 -27.32
C PHE A 81 10.22 5.33 -27.07
N VAL A 82 11.23 6.10 -27.49
CA VAL A 82 12.62 5.71 -27.21
C VAL A 82 12.78 5.48 -25.70
N ARG A 83 12.29 6.44 -24.91
N ARG A 83 12.34 6.47 -24.90
CA ARG A 83 12.42 6.36 -23.46
CA ARG A 83 12.46 6.34 -23.45
C ARG A 83 11.69 5.15 -22.89
C ARG A 83 11.68 5.13 -22.93
N THR A 84 10.43 4.94 -23.30
N THR A 84 10.43 5.01 -23.34
CA THR A 84 9.67 3.85 -22.70
CA THR A 84 9.58 3.93 -22.83
C THR A 84 10.11 2.48 -23.23
C THR A 84 10.12 2.56 -23.24
N PHE A 85 10.48 2.40 -24.51
CA PHE A 85 11.03 1.14 -25.01
C PHE A 85 12.32 0.76 -24.26
N LEU A 86 13.27 1.71 -24.11
CA LEU A 86 14.56 1.28 -23.49
C LEU A 86 14.38 0.98 -22.01
N THR A 87 13.32 1.51 -21.41
CA THR A 87 13.01 1.22 -20.01
C THR A 87 12.44 -0.21 -19.83
N THR A 88 11.65 -0.69 -20.79
CA THR A 88 10.77 -1.87 -20.59
C THR A 88 11.06 -3.06 -21.48
N TYR A 89 11.98 -2.96 -22.46
CA TYR A 89 12.07 -3.99 -23.52
C TYR A 89 12.55 -5.34 -23.01
N ARG A 90 13.23 -5.38 -21.85
CA ARG A 90 13.87 -6.63 -21.44
C ARG A 90 12.83 -7.69 -21.08
N SER A 91 11.58 -7.30 -20.84
CA SER A 91 10.53 -8.32 -20.68
C SER A 91 10.15 -9.01 -21.96
N PHE A 92 10.54 -8.52 -23.17
CA PHE A 92 10.17 -9.21 -24.41
C PHE A 92 11.33 -9.38 -25.39
N CYS A 93 12.53 -8.91 -25.04
CA CYS A 93 13.67 -9.01 -25.96
C CYS A 93 14.94 -8.92 -25.13
N LYS A 94 15.89 -9.86 -25.33
CA LYS A 94 17.14 -9.81 -24.55
C LYS A 94 18.03 -8.65 -25.05
N PRO A 95 18.85 -8.05 -24.15
CA PRO A 95 19.77 -6.99 -24.59
C PRO A 95 20.64 -7.38 -25.78
N GLN A 96 21.19 -8.61 -25.81
CA GLN A 96 22.02 -9.01 -26.96
C GLN A 96 21.20 -9.02 -28.24
N GLU A 97 19.95 -9.50 -28.14
N GLU A 97 19.95 -9.48 -28.16
CA GLU A 97 19.05 -9.53 -29.31
CA GLU A 97 19.12 -9.51 -29.38
C GLU A 97 18.72 -8.14 -29.80
C GLU A 97 18.73 -8.10 -29.82
N LEU A 98 18.48 -7.20 -28.87
CA LEU A 98 18.15 -5.82 -29.25
C LEU A 98 19.31 -5.21 -30.00
N LEU A 99 20.54 -5.44 -29.53
CA LEU A 99 21.67 -4.85 -30.25
C LEU A 99 21.74 -5.44 -31.65
N SER A 100 21.57 -6.77 -31.77
CA SER A 100 21.56 -7.38 -33.11
C SER A 100 20.51 -6.74 -34.02
N LEU A 101 19.32 -6.49 -33.48
CA LEU A 101 18.23 -5.94 -34.29
C LEU A 101 18.52 -4.48 -34.67
N ILE A 102 19.13 -3.72 -33.77
CA ILE A 102 19.35 -2.35 -34.20
C ILE A 102 20.52 -2.25 -35.20
N ILE A 103 21.54 -3.11 -35.08
CA ILE A 103 22.57 -3.14 -36.11
C ILE A 103 21.96 -3.57 -37.44
N GLU A 104 21.11 -4.60 -37.44
CA GLU A 104 20.40 -4.99 -38.65
C GLU A 104 19.57 -3.85 -39.24
N ARG A 105 18.87 -3.10 -38.37
CA ARG A 105 18.13 -1.92 -38.80
C ARG A 105 19.03 -0.87 -39.48
N PHE A 106 20.20 -0.63 -38.90
CA PHE A 106 21.12 0.38 -39.43
C PHE A 106 21.65 -0.01 -40.81
N GLU A 107 21.91 -1.30 -41.04
CA GLU A 107 22.68 -1.75 -42.22
C GLU A 107 21.75 -1.95 -43.42
N ILE A 108 21.24 -0.84 -43.95
CA ILE A 108 20.19 -0.87 -44.94
C ILE A 108 20.80 -1.22 -46.30
N PRO A 109 20.34 -2.26 -47.00
CA PRO A 109 20.90 -2.51 -48.35
C PRO A 109 20.33 -1.53 -49.38
N GLU A 110 21.18 -1.12 -50.31
CA GLU A 110 20.55 -0.24 -51.27
C GLU A 110 20.06 -1.04 -52.48
N GLU A 131 14.12 7.00 -57.37
CA GLU A 131 15.42 7.64 -57.23
C GLU A 131 16.22 7.11 -56.02
N LEU A 132 17.46 6.69 -56.29
CA LEU A 132 18.33 6.28 -55.19
C LEU A 132 18.85 7.47 -54.39
N LYS A 133 19.11 8.59 -55.05
CA LYS A 133 19.39 9.79 -54.28
C LYS A 133 18.26 10.06 -53.28
N ARG A 134 17.00 9.88 -53.71
CA ARG A 134 15.90 10.15 -52.78
C ARG A 134 15.93 9.18 -51.61
N PHE A 135 16.10 7.89 -51.90
CA PHE A 135 16.13 6.84 -50.89
C PHE A 135 17.16 7.15 -49.80
N ARG A 136 18.38 7.49 -50.22
N ARG A 136 18.39 7.51 -50.21
CA ARG A 136 19.42 7.81 -49.25
CA ARG A 136 19.41 7.80 -49.23
C ARG A 136 19.02 9.00 -48.39
C ARG A 136 19.04 9.01 -48.39
N LYS A 137 18.38 10.01 -48.99
CA LYS A 137 18.10 11.24 -48.25
C LYS A 137 16.88 11.13 -47.35
N GLU A 138 15.87 10.42 -47.80
CA GLU A 138 14.61 10.41 -47.11
C GLU A 138 14.39 9.17 -46.26
N TYR A 139 15.13 8.10 -46.52
CA TYR A 139 15.01 6.87 -45.73
C TYR A 139 16.32 6.52 -45.02
N ILE A 140 17.42 6.28 -45.73
CA ILE A 140 18.63 5.76 -45.07
C ILE A 140 19.17 6.75 -44.05
N GLN A 141 19.37 7.99 -44.47
CA GLN A 141 19.97 8.97 -43.53
C GLN A 141 19.10 9.08 -42.29
N PRO A 142 17.79 9.38 -42.37
CA PRO A 142 17.03 9.54 -41.12
C PRO A 142 16.95 8.28 -40.23
N VAL A 143 16.80 7.08 -40.79
CA VAL A 143 16.80 5.87 -39.97
C VAL A 143 18.15 5.70 -39.26
N GLN A 144 19.25 5.89 -39.99
CA GLN A 144 20.56 5.69 -39.40
C GLN A 144 20.81 6.66 -38.25
N LEU A 145 20.35 7.87 -38.37
CA LEU A 145 20.50 8.83 -37.30
C LEU A 145 19.67 8.42 -36.12
N ARG A 146 18.48 7.93 -36.38
CA ARG A 146 17.61 7.51 -35.31
C ARG A 146 18.20 6.32 -34.55
N VAL A 147 18.83 5.41 -35.24
CA VAL A 147 19.50 4.31 -34.64
C VAL A 147 20.60 4.83 -33.71
N LEU A 148 21.39 5.78 -34.17
CA LEU A 148 22.47 6.29 -33.33
C LEU A 148 21.92 6.97 -32.11
N ASN A 149 20.79 7.68 -32.26
CA ASN A 149 20.14 8.29 -31.09
C ASN A 149 19.69 7.22 -30.08
N VAL A 150 19.16 6.10 -30.55
CA VAL A 150 18.81 5.01 -29.62
C VAL A 150 20.07 4.47 -28.92
N CYS A 151 21.15 4.30 -29.67
CA CYS A 151 22.40 3.82 -29.04
C CYS A 151 22.85 4.77 -27.95
N ARG A 152 22.77 6.08 -28.23
CA ARG A 152 23.24 7.04 -27.25
C ARG A 152 22.35 7.03 -26.00
N HIS A 153 21.04 7.01 -26.20
CA HIS A 153 20.13 6.93 -25.05
C HIS A 153 20.36 5.66 -24.25
N TRP A 154 20.61 4.57 -24.94
CA TRP A 154 20.84 3.30 -24.27
C TRP A 154 22.08 3.37 -23.35
N VAL A 155 23.21 3.83 -23.88
CA VAL A 155 24.42 3.83 -23.04
C VAL A 155 24.31 4.92 -21.99
N GLU A 156 23.62 6.04 -22.29
CA GLU A 156 23.56 7.12 -21.30
C GLU A 156 22.63 6.79 -20.13
N HIS A 157 21.47 6.19 -20.40
CA HIS A 157 20.41 6.06 -19.40
C HIS A 157 20.21 4.61 -18.93
N HIS A 158 20.81 3.61 -19.59
CA HIS A 158 20.59 2.23 -19.19
C HIS A 158 21.93 1.47 -19.25
N PHE A 159 22.95 2.12 -18.69
CA PHE A 159 24.28 1.54 -18.76
C PHE A 159 24.39 0.24 -17.96
N TYR A 160 23.45 -0.04 -17.03
CA TYR A 160 23.52 -1.30 -16.29
C TYR A 160 23.45 -2.52 -17.23
N ASP A 161 22.85 -2.39 -18.42
CA ASP A 161 22.86 -3.53 -19.32
C ASP A 161 24.30 -3.91 -19.67
N PHE A 162 25.13 -2.89 -19.91
CA PHE A 162 26.54 -3.09 -20.27
C PHE A 162 27.38 -3.51 -19.06
N GLU A 163 27.06 -2.98 -17.86
CA GLU A 163 27.78 -3.41 -16.66
C GLU A 163 27.54 -4.86 -16.36
N ARG A 164 26.32 -5.34 -16.61
CA ARG A 164 26.04 -6.73 -16.32
C ARG A 164 26.53 -7.68 -17.41
N ASP A 165 26.88 -7.16 -18.59
CA ASP A 165 27.21 -8.04 -19.72
C ASP A 165 28.32 -7.34 -20.52
N ALA A 166 29.57 -7.57 -20.12
CA ALA A 166 30.70 -6.84 -20.74
C ALA A 166 30.77 -7.09 -22.24
N TYR A 167 30.39 -8.29 -22.70
CA TYR A 167 30.41 -8.55 -24.14
C TYR A 167 29.37 -7.70 -24.88
N LEU A 168 28.25 -7.34 -24.22
CA LEU A 168 27.34 -6.40 -24.88
C LEU A 168 28.06 -5.09 -25.21
N LEU A 169 28.90 -4.60 -24.30
CA LEU A 169 29.62 -3.34 -24.55
C LEU A 169 30.66 -3.51 -25.65
N GLN A 170 31.34 -4.66 -25.67
CA GLN A 170 32.30 -4.90 -26.75
C GLN A 170 31.60 -4.80 -28.10
N ARG A 171 30.46 -5.49 -28.24
CA ARG A 171 29.70 -5.42 -29.48
C ARG A 171 29.29 -4.00 -29.82
N MET A 172 28.83 -3.24 -28.81
CA MET A 172 28.43 -1.85 -29.07
C MET A 172 29.62 -1.04 -29.56
N GLU A 173 30.77 -1.14 -28.87
CA GLU A 173 31.95 -0.39 -29.29
C GLU A 173 32.41 -0.82 -30.69
N GLU A 174 32.38 -2.13 -30.98
CA GLU A 174 32.70 -2.60 -32.34
C GLU A 174 31.75 -2.01 -33.38
N PHE A 175 30.46 -1.94 -33.05
CA PHE A 175 29.50 -1.42 -34.02
C PHE A 175 29.75 0.05 -34.28
N ILE A 176 29.95 0.82 -33.22
CA ILE A 176 30.18 2.25 -33.38
C ILE A 176 31.46 2.49 -34.19
N GLY A 177 32.46 1.61 -34.05
CA GLY A 177 33.67 1.73 -34.87
C GLY A 177 33.45 1.48 -36.34
N THR A 178 32.34 0.85 -36.73
CA THR A 178 32.04 0.70 -38.15
C THR A 178 31.34 1.92 -38.76
N VAL A 179 30.90 2.92 -37.99
CA VAL A 179 30.08 3.94 -38.63
C VAL A 179 30.98 5.09 -39.11
N ARG A 180 31.09 5.25 -40.42
CA ARG A 180 32.08 6.21 -40.97
C ARG A 180 31.48 7.50 -41.54
N GLY A 181 30.19 7.54 -41.82
CA GLY A 181 29.60 8.78 -42.31
C GLY A 181 30.21 10.07 -41.79
N LYS A 182 30.59 10.97 -42.70
CA LYS A 182 31.10 12.28 -42.27
C LYS A 182 30.05 12.99 -41.41
N ALA A 183 28.78 12.81 -41.76
CA ALA A 183 27.68 13.40 -41.00
C ALA A 183 27.64 12.87 -39.59
N MET A 184 27.88 11.58 -39.43
CA MET A 184 27.64 10.91 -38.18
C MET A 184 28.85 10.91 -37.26
N LYS A 185 29.87 11.68 -37.59
CA LYS A 185 31.06 11.77 -36.71
C LYS A 185 30.68 12.37 -35.35
N LYS A 186 29.75 13.32 -35.35
CA LYS A 186 29.34 13.95 -34.09
C LYS A 186 28.63 12.96 -33.16
N TRP A 187 27.74 12.13 -33.72
CA TRP A 187 27.12 11.04 -32.94
C TRP A 187 28.15 10.05 -32.46
N VAL A 188 29.06 9.64 -33.37
CA VAL A 188 30.12 8.70 -32.99
C VAL A 188 30.91 9.20 -31.80
N GLU A 189 31.38 10.45 -31.87
CA GLU A 189 32.20 11.02 -30.79
C GLU A 189 31.40 11.20 -29.51
N SER A 190 30.14 11.63 -29.63
CA SER A 190 29.30 11.81 -28.46
C SER A 190 29.10 10.47 -27.71
N ILE A 191 28.78 9.41 -28.45
CA ILE A 191 28.58 8.09 -27.86
C ILE A 191 29.87 7.59 -27.20
N THR A 192 31.02 7.78 -27.87
CA THR A 192 32.29 7.33 -27.31
C THR A 192 32.59 8.05 -26.01
N LYS A 193 32.30 9.36 -25.96
CA LYS A 193 32.56 10.11 -24.75
C LYS A 193 31.71 9.61 -23.58
N ILE A 194 30.42 9.37 -23.83
CA ILE A 194 29.56 8.85 -22.76
C ILE A 194 30.09 7.52 -22.29
N ILE A 195 30.36 6.61 -23.21
CA ILE A 195 30.88 5.30 -22.81
C ILE A 195 32.15 5.44 -21.98
N GLN A 196 33.07 6.31 -22.40
CA GLN A 196 34.31 6.42 -21.63
C GLN A 196 34.04 6.91 -20.22
N ARG A 197 33.12 7.88 -20.10
CA ARG A 197 32.71 8.38 -18.80
C ARG A 197 32.06 7.28 -17.94
N LYS A 198 31.16 6.46 -18.53
CA LYS A 198 30.46 5.44 -17.74
C LYS A 198 31.39 4.33 -17.27
N LYS A 199 32.41 3.97 -18.07
CA LYS A 199 33.33 2.88 -17.73
C LYS A 199 34.18 3.21 -16.51
N ILE A 200 34.24 4.49 -16.14
CA ILE A 200 35.01 5.00 -15.00
C ILE A 200 34.05 5.28 -13.84
N ALA A 201 34.37 4.75 -12.66
CA ALA A 201 33.47 4.89 -11.51
C ALA A 201 34.27 5.13 -10.21
N PHE A 212 22.45 23.86 -1.34
CA PHE A 212 21.18 24.34 -0.74
C PHE A 212 20.62 25.49 -1.57
N GLN A 213 19.41 25.33 -2.11
CA GLN A 213 18.80 26.45 -2.89
C GLN A 213 18.63 27.65 -1.95
N SER A 214 18.10 27.38 -0.75
CA SER A 214 17.88 28.45 0.25
C SER A 214 18.53 28.03 1.57
N SER A 215 18.72 28.97 2.48
CA SER A 215 19.42 28.63 3.74
C SER A 215 18.51 27.71 4.58
N PRO A 216 19.01 26.55 5.04
CA PRO A 216 18.20 25.63 5.81
C PRO A 216 17.90 26.17 7.22
N PRO A 217 16.75 25.86 7.84
CA PRO A 217 16.49 26.30 9.22
C PRO A 217 17.45 25.66 10.21
N THR A 218 17.47 26.25 11.41
CA THR A 218 18.33 25.76 12.48
C THR A 218 17.96 24.36 12.92
N VAL A 219 18.97 23.49 13.09
CA VAL A 219 18.74 22.20 13.73
C VAL A 219 18.18 22.41 15.14
N GLU A 220 17.15 21.64 15.49
CA GLU A 220 16.44 21.79 16.76
C GLU A 220 16.86 20.73 17.75
N TRP A 221 17.02 21.14 19.01
CA TRP A 221 17.45 20.25 20.08
C TRP A 221 16.51 20.36 21.27
N HIS A 222 16.36 19.26 21.99
CA HIS A 222 15.50 19.14 23.14
C HIS A 222 16.06 18.82 24.53
N ILE A 223 16.23 17.58 24.90
CA ILE A 223 16.92 17.20 26.06
C ILE A 223 18.32 16.76 25.76
N SER A 224 18.49 15.97 24.72
CA SER A 224 19.81 15.52 24.34
C SER A 224 20.55 16.66 23.75
N ARG A 225 21.80 16.83 24.12
CA ARG A 225 22.53 17.94 23.55
C ARG A 225 23.36 17.49 22.35
N PRO A 226 23.71 18.40 21.46
CA PRO A 226 24.57 18.02 20.34
C PRO A 226 25.72 17.14 20.78
N GLY A 227 25.93 16.02 20.08
CA GLY A 227 27.00 15.12 20.38
C GLY A 227 26.71 14.03 21.39
N HIS A 228 25.63 14.13 22.16
CA HIS A 228 25.40 13.14 23.21
C HIS A 228 24.58 11.97 22.65
N ILE A 229 25.14 11.35 21.59
CA ILE A 229 24.57 10.21 20.89
C ILE A 229 23.94 9.20 21.86
N GLU A 230 24.66 8.87 22.94
CA GLU A 230 24.24 7.79 23.85
C GLU A 230 22.94 8.08 24.60
N THR A 231 22.46 9.33 24.61
CA THR A 231 21.17 9.62 25.24
C THR A 231 20.04 9.78 24.21
N PHE A 232 20.35 9.66 22.92
CA PHE A 232 19.35 9.87 21.86
C PHE A 232 18.22 8.86 22.03
N ASP A 233 16.98 9.34 21.93
CA ASP A 233 15.83 8.45 22.06
C ASP A 233 14.60 9.21 21.58
N LEU A 234 13.45 8.51 21.53
CA LEU A 234 12.25 9.14 20.94
C LEU A 234 11.83 10.42 21.71
N LEU A 235 11.93 10.41 23.04
CA LEU A 235 11.47 11.55 23.82
C LEU A 235 12.54 12.59 24.07
N THR A 236 13.83 12.26 23.86
CA THR A 236 14.93 13.16 24.19
C THR A 236 15.44 13.96 23.00
N LEU A 237 15.27 13.46 21.76
CA LEU A 237 15.52 14.33 20.63
C LEU A 237 14.31 15.25 20.46
N HIS A 238 14.49 16.31 19.69
CA HIS A 238 13.41 17.23 19.42
C HIS A 238 12.49 16.64 18.33
N PRO A 239 11.17 16.69 18.51
CA PRO A 239 10.28 16.03 17.51
C PRO A 239 10.38 16.64 16.14
N ILE A 240 10.61 17.95 16.05
CA ILE A 240 10.84 18.55 14.74
C ILE A 240 12.05 17.92 14.06
N GLU A 241 13.11 17.70 14.82
CA GLU A 241 14.35 17.23 14.22
C GLU A 241 14.28 15.73 13.90
N ILE A 242 13.60 14.93 14.73
CA ILE A 242 13.36 13.53 14.37
C ILE A 242 12.68 13.46 12.99
N ALA A 243 11.63 14.28 12.81
CA ALA A 243 10.90 14.28 11.56
C ALA A 243 11.77 14.75 10.38
N ARG A 244 12.53 15.83 10.59
CA ARG A 244 13.43 16.32 9.55
C ARG A 244 14.45 15.27 9.15
N GLN A 245 15.08 14.61 10.14
CA GLN A 245 16.19 13.74 9.81
C GLN A 245 15.68 12.43 9.20
N LEU A 246 14.51 11.95 9.66
CA LEU A 246 13.89 10.80 9.02
C LEU A 246 13.43 11.16 7.61
N THR A 247 12.96 12.39 7.40
CA THR A 247 12.56 12.78 6.05
C THR A 247 13.76 12.84 5.09
N LEU A 248 14.91 13.33 5.55
CA LEU A 248 16.10 13.31 4.70
C LEU A 248 16.52 11.88 4.39
N LEU A 249 16.54 11.03 5.40
CA LEU A 249 16.93 9.64 5.19
C LEU A 249 15.97 8.95 4.21
N GLU A 250 14.66 9.14 4.42
CA GLU A 250 13.63 8.49 3.58
C GLU A 250 13.59 9.09 2.17
N SER A 251 13.82 10.40 2.04
CA SER A 251 13.93 11.01 0.73
C SER A 251 15.12 10.42 -0.04
N ASP A 252 16.28 10.25 0.63
CA ASP A 252 17.43 9.64 -0.02
C ASP A 252 17.12 8.21 -0.45
N LEU A 253 16.50 7.42 0.42
CA LEU A 253 16.16 6.04 0.05
C LEU A 253 15.20 6.01 -1.15
N TYR A 254 14.17 6.88 -1.14
CA TYR A 254 13.22 6.99 -2.26
C TYR A 254 13.94 7.38 -3.56
N ARG A 255 14.78 8.41 -3.51
CA ARG A 255 15.43 8.92 -4.72
C ARG A 255 16.42 7.90 -5.29
N ALA A 256 16.83 6.92 -4.50
CA ALA A 256 17.82 5.96 -5.00
C ALA A 256 17.21 4.83 -5.84
N VAL A 257 15.88 4.65 -5.83
CA VAL A 257 15.25 3.50 -6.50
C VAL A 257 15.23 3.74 -8.00
N GLN A 258 15.76 2.79 -8.77
CA GLN A 258 15.80 2.95 -10.25
C GLN A 258 14.71 2.10 -10.93
N PRO A 259 14.31 2.49 -12.15
CA PRO A 259 13.26 1.72 -12.84
C PRO A 259 13.64 0.28 -13.07
N SER A 260 14.93 -0.02 -13.23
CA SER A 260 15.33 -1.41 -13.41
C SER A 260 15.00 -2.26 -12.20
N GLU A 261 14.75 -1.65 -11.02
CA GLU A 261 14.32 -2.45 -9.88
C GLU A 261 12.82 -2.77 -9.87
N LEU A 262 12.04 -2.26 -10.82
CA LEU A 262 10.57 -2.27 -10.80
C LEU A 262 9.99 -2.96 -12.02
N VAL A 263 10.50 -2.65 -13.22
CA VAL A 263 9.88 -3.18 -14.45
C VAL A 263 10.08 -4.68 -14.43
N GLY A 264 9.06 -5.40 -14.89
CA GLY A 264 9.07 -6.86 -14.79
C GLY A 264 8.73 -7.38 -13.40
N SER A 265 8.34 -6.50 -12.48
CA SER A 265 7.97 -6.92 -11.12
C SER A 265 9.10 -7.71 -10.45
N VAL A 266 10.36 -7.34 -10.77
CA VAL A 266 11.51 -8.18 -10.33
C VAL A 266 11.73 -8.16 -8.82
N TRP A 267 11.16 -7.18 -8.09
CA TRP A 267 11.28 -7.20 -6.62
C TRP A 267 10.41 -8.29 -5.99
N THR A 268 9.54 -8.95 -6.78
CA THR A 268 8.75 -10.09 -6.29
C THR A 268 9.33 -11.44 -6.68
N LYS A 269 10.43 -11.48 -7.43
CA LYS A 269 10.95 -12.74 -7.98
C LYS A 269 12.16 -13.22 -7.18
N GLU A 270 12.62 -14.42 -7.52
N GLU A 270 12.63 -14.43 -7.50
CA GLU A 270 13.65 -15.09 -6.73
CA GLU A 270 13.64 -15.06 -6.65
C GLU A 270 14.91 -14.26 -6.61
C GLU A 270 14.94 -14.26 -6.61
N ASP A 271 15.28 -13.53 -7.66
CA ASP A 271 16.48 -12.68 -7.65
C ASP A 271 16.26 -11.27 -7.07
N LYS A 272 15.21 -11.06 -6.25
CA LYS A 272 14.83 -9.69 -5.89
C LYS A 272 15.95 -8.97 -5.16
N GLU A 273 16.73 -9.71 -4.35
CA GLU A 273 17.79 -9.06 -3.58
C GLU A 273 18.91 -8.53 -4.46
N ILE A 274 19.15 -9.16 -5.63
CA ILE A 274 20.17 -8.56 -6.50
C ILE A 274 19.59 -7.56 -7.47
N ASN A 275 18.35 -7.77 -7.94
CA ASN A 275 17.74 -6.82 -8.87
C ASN A 275 17.07 -5.61 -8.25
N SER A 276 16.65 -5.65 -6.99
CA SER A 276 15.92 -4.53 -6.41
C SER A 276 16.51 -4.09 -5.05
N PRO A 277 17.83 -3.93 -4.95
CA PRO A 277 18.42 -3.66 -3.60
C PRO A 277 18.00 -2.33 -3.00
N ASN A 278 17.95 -1.27 -3.80
CA ASN A 278 17.58 0.03 -3.26
C ASN A 278 16.11 0.05 -2.82
N LEU A 279 15.22 -0.51 -3.65
CA LEU A 279 13.81 -0.61 -3.22
C LEU A 279 13.69 -1.39 -1.92
N LEU A 280 14.31 -2.57 -1.85
CA LEU A 280 14.18 -3.36 -0.62
C LEU A 280 14.78 -2.66 0.61
N LYS A 281 15.90 -1.97 0.43
CA LYS A 281 16.49 -1.17 1.52
C LYS A 281 15.51 -0.12 2.01
N MET A 282 14.83 0.53 1.07
N MET A 282 14.83 0.54 1.07
CA MET A 282 13.82 1.52 1.41
CA MET A 282 13.81 1.53 1.43
C MET A 282 12.66 0.91 2.17
C MET A 282 12.67 0.89 2.20
N ILE A 283 12.13 -0.22 1.68
CA ILE A 283 10.99 -0.87 2.37
C ILE A 283 11.40 -1.34 3.78
N ARG A 284 12.63 -1.89 3.92
CA ARG A 284 13.07 -2.36 5.22
C ARG A 284 13.24 -1.20 6.22
N HIS A 285 13.67 -0.03 5.77
CA HIS A 285 13.66 1.15 6.66
C HIS A 285 12.23 1.48 7.12
N THR A 286 11.28 1.57 6.17
CA THR A 286 9.89 1.86 6.55
C THR A 286 9.40 0.86 7.58
N THR A 287 9.67 -0.45 7.33
CA THR A 287 9.23 -1.50 8.25
C THR A 287 9.86 -1.33 9.63
N ASN A 288 11.18 -1.10 9.65
CA ASN A 288 11.87 -0.95 10.93
C ASN A 288 11.38 0.29 11.71
N LEU A 289 11.09 1.39 11.04
CA LEU A 289 10.60 2.55 11.78
C LEU A 289 9.22 2.29 12.36
N THR A 290 8.31 1.69 11.56
CA THR A 290 7.01 1.30 12.10
C THR A 290 7.19 0.42 13.33
N LEU A 291 8.04 -0.60 13.24
CA LEU A 291 8.25 -1.46 14.39
C LEU A 291 8.89 -0.73 15.58
N TRP A 292 9.78 0.22 15.33
CA TRP A 292 10.34 0.98 16.44
C TRP A 292 9.26 1.79 17.17
N PHE A 293 8.38 2.47 16.40
CA PHE A 293 7.26 3.18 17.02
C PHE A 293 6.43 2.25 17.89
N GLU A 294 6.09 1.05 17.35
CA GLU A 294 5.32 0.08 18.16
C GLU A 294 6.07 -0.32 19.43
N LYS A 295 7.38 -0.58 19.30
CA LYS A 295 8.14 -1.06 20.44
C LYS A 295 8.25 0.03 21.51
N CYS A 296 8.53 1.28 21.10
CA CYS A 296 8.57 2.39 22.05
C CYS A 296 7.27 2.50 22.83
N ILE A 297 6.13 2.28 22.16
CA ILE A 297 4.83 2.40 22.82
C ILE A 297 4.63 1.28 23.84
N VAL A 298 4.72 0.04 23.38
CA VAL A 298 4.39 -1.12 24.26
C VAL A 298 5.49 -1.41 25.29
N GLU A 299 6.72 -0.98 25.05
CA GLU A 299 7.72 -1.19 26.11
C GLU A 299 7.66 -0.09 27.16
N THR A 300 6.78 0.92 27.00
CA THR A 300 6.63 1.95 28.01
C THR A 300 5.44 1.50 28.86
N GLU A 301 5.73 0.85 29.99
N GLU A 301 5.73 0.84 29.99
CA GLU A 301 4.70 0.14 30.73
CA GLU A 301 4.66 0.16 30.73
C GLU A 301 3.83 1.08 31.56
C GLU A 301 3.80 1.13 31.51
N ASN A 302 4.39 2.20 32.00
CA ASN A 302 3.67 3.18 32.81
C ASN A 302 2.72 3.97 31.93
N LEU A 303 1.45 4.12 32.38
CA LEU A 303 0.42 4.70 31.51
C LEU A 303 0.75 6.14 31.14
N GLU A 304 1.11 7.00 32.11
N GLU A 304 1.14 6.95 32.11
CA GLU A 304 1.39 8.39 31.73
CA GLU A 304 1.43 8.33 31.84
C GLU A 304 2.58 8.48 30.79
C GLU A 304 2.60 8.48 30.87
N GLU A 305 3.60 7.65 30.99
CA GLU A 305 4.74 7.72 30.09
C GLU A 305 4.35 7.30 28.67
N ARG A 306 3.55 6.27 28.59
CA ARG A 306 3.11 5.77 27.32
C ARG A 306 2.31 6.81 26.56
N VAL A 307 1.43 7.49 27.26
CA VAL A 307 0.67 8.53 26.67
C VAL A 307 1.59 9.57 26.14
N ALA A 308 2.65 9.89 26.87
CA ALA A 308 3.56 10.88 26.32
C ALA A 308 4.24 10.34 25.04
N VAL A 309 4.53 9.03 24.99
CA VAL A 309 5.21 8.47 23.81
C VAL A 309 4.30 8.55 22.59
N VAL A 310 3.05 8.08 22.73
CA VAL A 310 2.07 8.16 21.62
C VAL A 310 1.87 9.60 21.18
N SER A 311 1.72 10.53 22.15
CA SER A 311 1.60 11.94 21.76
C SER A 311 2.80 12.41 20.97
N ARG A 312 4.00 12.01 21.38
CA ARG A 312 5.18 12.54 20.68
C ARG A 312 5.23 11.97 19.25
N ILE A 313 4.80 10.72 19.09
CA ILE A 313 4.82 10.14 17.73
C ILE A 313 3.83 10.86 16.84
N ILE A 314 2.68 11.29 17.41
CA ILE A 314 1.72 12.04 16.62
C ILE A 314 2.30 13.41 16.25
N GLU A 315 3.10 14.04 17.15
CA GLU A 315 3.74 15.29 16.75
C GLU A 315 4.76 15.07 15.62
N ILE A 316 5.48 13.95 15.68
CA ILE A 316 6.38 13.65 14.55
C ILE A 316 5.59 13.48 13.26
N LEU A 317 4.44 12.82 13.36
CA LEU A 317 3.50 12.72 12.23
C LEU A 317 3.06 14.09 11.75
N GLN A 318 2.73 15.01 12.67
CA GLN A 318 2.34 16.34 12.19
C GLN A 318 3.44 16.98 11.31
N VAL A 319 4.69 16.84 11.68
CA VAL A 319 5.76 17.46 10.90
C VAL A 319 6.02 16.68 9.60
N PHE A 320 5.89 15.35 9.65
CA PHE A 320 5.95 14.58 8.39
C PHE A 320 4.93 15.13 7.40
N GLN A 321 3.70 15.42 7.87
CA GLN A 321 2.68 15.98 6.98
C GLN A 321 3.08 17.35 6.45
N GLU A 322 3.65 18.19 7.32
CA GLU A 322 4.13 19.50 6.88
C GLU A 322 5.23 19.37 5.83
N LEU A 323 6.05 18.33 5.92
CA LEU A 323 7.13 18.11 4.95
C LEU A 323 6.69 17.34 3.69
N ASN A 324 5.43 16.95 3.60
CA ASN A 324 4.95 16.07 2.52
C ASN A 324 5.75 14.77 2.46
N ASN A 325 6.16 14.28 3.61
CA ASN A 325 6.84 12.98 3.68
C ASN A 325 5.74 11.92 3.94
N PHE A 326 5.11 11.45 2.85
CA PHE A 326 4.02 10.48 3.01
C PHE A 326 4.49 9.10 3.43
N ASN A 327 5.76 8.76 3.12
CA ASN A 327 6.30 7.52 3.66
C ASN A 327 6.31 7.57 5.19
N GLY A 328 6.75 8.71 5.75
CA GLY A 328 6.74 8.85 7.21
C GLY A 328 5.31 8.90 7.78
N VAL A 329 4.40 9.52 7.08
CA VAL A 329 3.03 9.53 7.52
C VAL A 329 2.53 8.09 7.65
N LEU A 330 2.79 7.27 6.66
N LEU A 330 2.79 7.28 6.65
CA LEU A 330 2.33 5.91 6.69
CA LEU A 330 2.33 5.91 6.68
C LEU A 330 3.04 5.02 7.72
C LEU A 330 3.02 5.04 7.74
N GLU A 331 4.28 5.36 8.04
CA GLU A 331 5.05 4.62 9.02
C GLU A 331 4.31 4.76 10.34
N VAL A 332 3.85 5.97 10.62
CA VAL A 332 3.09 6.22 11.86
C VAL A 332 1.71 5.57 11.78
N VAL A 333 1.00 5.80 10.68
CA VAL A 333 -0.36 5.23 10.55
C VAL A 333 -0.31 3.72 10.72
N SER A 334 0.65 3.07 10.06
CA SER A 334 0.74 1.61 10.19
C SER A 334 1.01 1.19 11.63
N ALA A 335 1.85 1.91 12.35
CA ALA A 335 2.09 1.47 13.74
C ALA A 335 0.83 1.62 14.59
N MET A 336 0.04 2.66 14.32
CA MET A 336 -1.13 2.94 15.15
C MET A 336 -2.25 1.95 14.83
N ASN A 337 -2.27 1.43 13.60
CA ASN A 337 -3.18 0.36 13.21
C ASN A 337 -2.75 -1.02 13.69
N SER A 338 -1.54 -1.17 14.18
CA SER A 338 -1.04 -2.51 14.50
C SER A 338 -1.80 -3.09 15.69
N SER A 339 -2.00 -4.42 15.68
CA SER A 339 -2.69 -5.09 16.77
C SER A 339 -2.19 -4.75 18.19
N PRO A 340 -0.88 -4.61 18.47
CA PRO A 340 -0.48 -4.29 19.86
C PRO A 340 -0.81 -2.86 20.29
N VAL A 341 -0.90 -1.93 19.35
CA VAL A 341 -1.10 -0.52 19.67
C VAL A 341 -2.58 -0.16 19.62
N TYR A 342 -3.28 -0.58 18.56
CA TYR A 342 -4.66 -0.14 18.33
C TYR A 342 -5.54 -0.45 19.53
N ARG A 343 -5.34 -1.59 20.16
CA ARG A 343 -6.21 -2.03 21.27
C ARG A 343 -5.98 -1.29 22.58
N LEU A 344 -5.08 -0.30 22.65
CA LEU A 344 -4.71 0.30 23.95
C LEU A 344 -5.73 1.40 24.31
N ASP A 345 -6.94 0.96 24.69
CA ASP A 345 -8.03 1.89 25.05
C ASP A 345 -7.57 2.98 26.03
N HIS A 346 -6.88 2.56 27.11
CA HIS A 346 -6.56 3.50 28.19
C HIS A 346 -5.57 4.54 27.74
N THR A 347 -4.71 4.19 26.77
CA THR A 347 -3.71 5.14 26.28
C THR A 347 -4.34 6.15 25.37
N PHE A 348 -5.12 5.70 24.36
CA PHE A 348 -5.77 6.61 23.41
C PHE A 348 -6.76 7.53 24.10
N GLU A 349 -7.41 7.03 25.16
CA GLU A 349 -8.35 7.88 25.90
C GLU A 349 -7.70 9.19 26.33
N GLN A 350 -6.45 9.13 26.80
CA GLN A 350 -5.72 10.32 27.29
C GLN A 350 -5.08 11.17 26.21
N ILE A 351 -5.15 10.79 24.93
CA ILE A 351 -4.51 11.61 23.91
C ILE A 351 -5.34 12.87 23.69
N PRO A 352 -4.75 14.06 23.69
CA PRO A 352 -5.56 15.28 23.47
C PRO A 352 -6.31 15.19 22.16
N SER A 353 -7.52 15.77 22.17
CA SER A 353 -8.37 15.76 20.99
C SER A 353 -7.70 16.36 19.76
N ARG A 354 -6.94 17.41 19.92
CA ARG A 354 -6.33 18.03 18.77
C ARG A 354 -5.28 17.14 18.10
N GLN A 355 -4.64 16.30 18.88
CA GLN A 355 -3.68 15.33 18.34
C GLN A 355 -4.38 14.09 17.77
N LYS A 356 -5.44 13.61 18.44
CA LYS A 356 -6.35 12.63 17.80
C LYS A 356 -6.73 13.06 16.39
N LYS A 357 -7.11 14.34 16.22
CA LYS A 357 -7.52 14.83 14.91
C LYS A 357 -6.41 14.69 13.85
N ILE A 358 -5.16 14.95 14.24
CA ILE A 358 -4.02 14.81 13.31
C ILE A 358 -3.89 13.35 12.85
N LEU A 359 -3.93 12.41 13.81
CA LEU A 359 -3.86 10.99 13.46
C LEU A 359 -5.08 10.54 12.66
N GLU A 360 -6.24 11.07 13.02
CA GLU A 360 -7.47 10.74 12.31
C GLU A 360 -7.37 11.15 10.85
N GLU A 361 -6.89 12.36 10.57
CA GLU A 361 -6.79 12.78 9.19
C GLU A 361 -5.71 12.00 8.41
N ALA A 362 -4.61 11.68 9.07
CA ALA A 362 -3.58 10.83 8.42
C ALA A 362 -4.12 9.44 8.06
N HIS A 363 -4.73 8.76 9.03
CA HIS A 363 -5.31 7.44 8.71
C HIS A 363 -6.31 7.54 7.57
N GLU A 364 -7.13 8.59 7.55
CA GLU A 364 -8.11 8.72 6.48
C GLU A 364 -7.47 8.82 5.10
N LEU A 365 -6.18 9.22 5.00
CA LEU A 365 -5.56 9.19 3.67
C LEU A 365 -5.57 7.77 3.08
N SER A 366 -5.59 6.73 3.93
CA SER A 366 -5.48 5.33 3.43
C SER A 366 -6.83 4.72 3.09
N GLU A 367 -7.93 5.34 3.54
CA GLU A 367 -9.24 4.74 3.33
C GLU A 367 -9.62 4.69 1.85
N ASP A 368 -10.55 3.81 1.54
CA ASP A 368 -11.09 3.75 0.19
C ASP A 368 -9.97 3.60 -0.82
N HIS A 369 -9.03 2.68 -0.55
CA HIS A 369 -7.94 2.39 -1.48
C HIS A 369 -7.11 3.65 -1.75
N TYR A 370 -6.77 4.35 -0.67
CA TYR A 370 -5.86 5.52 -0.71
C TYR A 370 -6.44 6.70 -1.51
N LYS A 371 -7.75 6.80 -1.58
CA LYS A 371 -8.36 7.88 -2.37
C LYS A 371 -7.86 9.26 -1.91
N LYS A 372 -7.90 9.57 -0.61
CA LYS A 372 -7.48 10.92 -0.20
C LYS A 372 -5.98 11.12 -0.30
N TYR A 373 -5.20 10.06 -0.09
CA TYR A 373 -3.76 10.14 -0.32
C TYR A 373 -3.46 10.53 -1.77
N LEU A 374 -4.06 9.82 -2.71
CA LEU A 374 -3.73 10.07 -4.12
C LEU A 374 -4.06 11.51 -4.49
N ALA A 375 -5.19 12.02 -3.99
CA ALA A 375 -5.56 13.41 -4.28
C ALA A 375 -4.59 14.38 -3.64
N LYS A 376 -4.20 14.11 -2.40
CA LYS A 376 -3.29 15.02 -1.74
C LYS A 376 -1.92 15.04 -2.44
N LEU A 377 -1.39 13.87 -2.79
CA LEU A 377 -0.11 13.87 -3.51
C LEU A 377 -0.19 14.70 -4.78
N ARG A 378 -1.29 14.60 -5.53
CA ARG A 378 -1.43 15.34 -6.78
C ARG A 378 -1.52 16.84 -6.55
N SER A 379 -1.86 17.26 -5.34
CA SER A 379 -2.13 18.65 -5.01
C SER A 379 -0.96 19.38 -4.36
N ILE A 380 0.12 18.72 -3.97
CA ILE A 380 1.14 19.43 -3.24
C ILE A 380 2.29 19.72 -4.19
N ASN A 381 3.23 20.56 -3.72
CA ASN A 381 4.40 20.80 -4.55
C ASN A 381 5.61 20.15 -3.90
N PRO A 382 6.47 19.56 -4.72
CA PRO A 382 7.69 18.94 -4.19
C PRO A 382 8.52 19.98 -3.45
N PRO A 383 9.46 19.56 -2.61
CA PRO A 383 9.87 18.16 -2.43
C PRO A 383 8.81 17.35 -1.60
N CYS A 384 8.79 16.05 -1.85
CA CYS A 384 7.86 15.16 -1.14
C CYS A 384 8.48 13.79 -1.15
N VAL A 385 7.96 12.91 -0.31
CA VAL A 385 8.36 11.52 -0.32
C VAL A 385 7.08 10.68 -0.48
N PRO A 386 6.80 10.19 -1.69
CA PRO A 386 5.59 9.38 -1.91
C PRO A 386 5.66 8.10 -1.10
N PHE A 387 4.49 7.48 -0.90
CA PHE A 387 4.38 6.12 -0.36
C PHE A 387 4.55 5.16 -1.54
N PHE A 388 5.58 4.31 -1.50
CA PHE A 388 5.93 3.52 -2.68
C PHE A 388 4.99 2.37 -2.92
N GLY A 389 4.32 1.84 -1.86
CA GLY A 389 3.61 0.57 -2.06
C GLY A 389 2.52 0.64 -3.10
N ILE A 390 1.89 1.81 -3.25
CA ILE A 390 0.87 1.94 -4.28
C ILE A 390 1.45 1.70 -5.68
N TYR A 391 2.61 2.30 -5.98
CA TYR A 391 3.25 2.06 -7.28
C TYR A 391 3.52 0.57 -7.49
N LEU A 392 3.97 -0.12 -6.44
CA LEU A 392 4.34 -1.54 -6.58
C LEU A 392 3.13 -2.37 -6.97
N THR A 393 2.01 -2.18 -6.24
CA THR A 393 0.80 -2.94 -6.62
C THR A 393 0.33 -2.58 -8.02
N ASN A 394 0.39 -1.31 -8.37
CA ASN A 394 -0.08 -0.96 -9.73
C ASN A 394 0.81 -1.52 -10.83
N ILE A 395 2.14 -1.50 -10.62
CA ILE A 395 3.00 -2.11 -11.63
C ILE A 395 2.70 -3.60 -11.73
N LEU A 396 2.60 -4.28 -10.58
CA LEU A 396 2.42 -5.73 -10.62
C LEU A 396 1.10 -6.08 -11.31
N LYS A 397 0.03 -5.37 -10.97
CA LYS A 397 -1.28 -5.69 -11.54
C LYS A 397 -1.34 -5.32 -13.00
N THR A 398 -0.63 -4.26 -13.39
CA THR A 398 -0.57 -3.91 -14.80
C THR A 398 0.09 -5.00 -15.60
N GLU A 399 1.20 -5.56 -15.07
CA GLU A 399 1.88 -6.61 -15.82
C GLU A 399 1.11 -7.94 -15.79
N GLU A 400 0.50 -8.30 -14.65
CA GLU A 400 -0.23 -9.59 -14.58
C GLU A 400 -1.62 -9.53 -15.20
N GLY A 401 -2.21 -8.37 -15.27
CA GLY A 401 -3.58 -8.21 -15.71
C GLY A 401 -3.77 -7.93 -17.16
N ASN A 402 -2.67 -7.87 -17.93
CA ASN A 402 -2.75 -7.63 -19.37
C ASN A 402 -1.92 -8.69 -20.10
N PRO A 403 -2.34 -9.13 -21.27
CA PRO A 403 -1.64 -10.25 -21.91
C PRO A 403 -0.23 -9.84 -22.35
N GLU A 404 0.68 -10.82 -22.34
CA GLU A 404 2.03 -10.57 -22.90
C GLU A 404 1.98 -10.32 -24.41
N VAL A 405 1.13 -11.04 -25.12
CA VAL A 405 1.05 -10.91 -26.59
C VAL A 405 -0.43 -10.81 -27.00
N LEU A 406 -0.69 -10.11 -28.09
CA LEU A 406 -2.01 -10.15 -28.73
C LEU A 406 -1.85 -11.04 -29.97
N LYS A 407 -2.93 -11.73 -30.40
CA LYS A 407 -2.88 -12.55 -31.62
C LYS A 407 -3.86 -12.02 -32.66
N ARG A 408 -3.43 -12.02 -33.92
CA ARG A 408 -4.20 -11.46 -35.03
C ARG A 408 -3.98 -12.40 -36.21
N HIS A 409 -5.07 -13.01 -36.70
CA HIS A 409 -5.01 -13.97 -37.80
C HIS A 409 -3.82 -14.89 -37.63
N GLY A 410 -3.73 -15.42 -36.42
CA GLY A 410 -2.73 -16.41 -36.10
C GLY A 410 -1.36 -15.88 -35.76
N LYS A 411 -1.09 -14.57 -35.87
CA LYS A 411 0.27 -14.12 -35.60
C LYS A 411 0.36 -13.49 -34.21
N GLU A 412 1.52 -13.63 -33.54
CA GLU A 412 1.75 -13.02 -32.22
C GLU A 412 2.31 -11.61 -32.36
N LEU A 413 1.71 -10.64 -31.67
CA LEU A 413 2.25 -9.30 -31.54
C LEU A 413 2.60 -9.03 -30.05
N ILE A 414 3.78 -8.48 -29.80
CA ILE A 414 4.12 -8.03 -28.44
C ILE A 414 3.14 -6.97 -27.95
N ASN A 415 2.58 -7.15 -26.74
CA ASN A 415 1.63 -6.17 -26.24
C ASN A 415 2.45 -5.03 -25.62
N PHE A 416 2.72 -3.99 -26.41
CA PHE A 416 3.50 -2.86 -25.89
C PHE A 416 2.69 -1.91 -25.01
N SER A 417 1.35 -1.84 -25.15
CA SER A 417 0.63 -0.87 -24.31
C SER A 417 0.83 -1.14 -22.81
N LYS A 418 0.88 -2.40 -22.40
CA LYS A 418 1.08 -2.59 -20.95
C LYS A 418 2.49 -2.16 -20.53
N ARG A 419 3.47 -2.27 -21.42
CA ARG A 419 4.80 -1.71 -21.12
C ARG A 419 4.73 -0.22 -20.98
N ARG A 420 4.04 0.44 -21.92
CA ARG A 420 3.90 1.89 -21.80
C ARG A 420 3.26 2.24 -20.48
N LYS A 421 2.23 1.51 -20.09
CA LYS A 421 1.58 1.85 -18.82
C LYS A 421 2.56 1.71 -17.62
N VAL A 422 3.39 0.68 -17.62
CA VAL A 422 4.37 0.55 -16.54
C VAL A 422 5.37 1.70 -16.57
N ALA A 423 5.86 2.05 -17.77
CA ALA A 423 6.78 3.21 -17.88
C ALA A 423 6.13 4.51 -17.41
N GLU A 424 4.82 4.65 -17.55
CA GLU A 424 4.19 5.86 -17.04
C GLU A 424 4.25 5.88 -15.52
N ILE A 425 4.14 4.72 -14.88
CA ILE A 425 4.32 4.68 -13.42
C ILE A 425 5.77 5.01 -13.03
N THR A 426 6.75 4.36 -13.66
CA THR A 426 8.14 4.66 -13.26
C THR A 426 8.49 6.11 -13.60
N GLY A 427 7.83 6.69 -14.62
CA GLY A 427 8.03 8.09 -14.94
C GLY A 427 7.47 9.02 -13.86
N GLU A 428 6.33 8.68 -13.26
CA GLU A 428 5.81 9.50 -12.16
C GLU A 428 6.73 9.37 -10.93
N ILE A 429 7.19 8.16 -10.66
CA ILE A 429 8.17 7.96 -9.58
C ILE A 429 9.35 8.89 -9.80
N GLN A 430 9.84 8.92 -11.02
CA GLN A 430 11.02 9.74 -11.30
C GLN A 430 10.73 11.23 -11.15
N GLN A 431 9.53 11.68 -11.54
CA GLN A 431 9.18 13.10 -11.36
C GLN A 431 9.39 13.55 -9.93
N TYR A 432 9.03 12.72 -8.93
CA TYR A 432 9.16 13.12 -7.53
C TYR A 432 10.56 12.94 -6.98
N GLN A 433 11.48 12.34 -7.75
CA GLN A 433 12.83 12.13 -7.29
C GLN A 433 13.73 13.34 -7.62
N ASN A 434 13.25 14.32 -8.38
CA ASN A 434 14.13 15.40 -8.86
C ASN A 434 14.55 16.33 -7.72
N GLN A 435 13.58 16.81 -6.94
CA GLN A 435 13.75 17.96 -6.04
C GLN A 435 14.18 17.51 -4.65
N PRO A 436 15.34 17.94 -4.15
CA PRO A 436 15.73 17.63 -2.77
C PRO A 436 15.07 18.55 -1.77
N TYR A 437 15.20 18.17 -0.48
CA TYR A 437 14.73 18.99 0.63
C TYR A 437 15.77 20.04 1.01
N CYS A 438 15.32 21.26 1.35
CA CYS A 438 16.23 22.29 1.88
C CYS A 438 16.32 22.19 3.39
N LEU A 439 16.98 21.13 3.87
CA LEU A 439 17.12 20.79 5.28
C LEU A 439 18.51 20.29 5.55
N ARG A 440 19.06 20.60 6.71
CA ARG A 440 20.45 20.28 6.99
C ARG A 440 20.53 18.93 7.66
N VAL A 441 21.43 18.08 7.18
CA VAL A 441 21.68 16.80 7.80
C VAL A 441 22.32 17.01 9.17
N GLU A 442 21.96 16.16 10.14
CA GLU A 442 22.65 16.08 11.43
C GLU A 442 23.24 14.68 11.53
N SER A 443 24.57 14.55 11.45
CA SER A 443 25.19 13.24 11.27
C SER A 443 24.87 12.27 12.38
N ASP A 444 24.96 12.71 13.67
CA ASP A 444 24.69 11.78 14.75
C ASP A 444 23.21 11.32 14.76
N ILE A 445 22.28 12.23 14.51
CA ILE A 445 20.87 11.81 14.49
C ILE A 445 20.61 10.87 13.30
N LYS A 446 21.10 11.23 12.12
CA LYS A 446 21.04 10.32 10.95
C LYS A 446 21.62 8.95 11.28
N ARG A 447 22.80 8.92 11.91
CA ARG A 447 23.36 7.63 12.29
C ARG A 447 22.49 6.89 13.30
N PHE A 448 21.93 7.60 14.29
CA PHE A 448 21.04 6.95 15.26
C PHE A 448 19.89 6.21 14.53
N PHE A 449 19.27 6.87 13.55
CA PHE A 449 18.15 6.24 12.84
C PHE A 449 18.60 5.19 11.84
N GLU A 450 19.74 5.40 11.17
CA GLU A 450 20.25 4.34 10.28
C GLU A 450 20.56 3.07 11.04
N ASN A 451 20.83 3.16 12.33
CA ASN A 451 21.23 1.97 13.04
C ASN A 451 20.15 1.39 13.94
N LEU A 452 18.93 1.94 13.92
CA LEU A 452 17.80 1.34 14.64
C LEU A 452 17.57 -0.10 14.23
N ASN A 453 17.39 -0.97 15.22
CA ASN A 453 17.12 -2.39 14.96
C ASN A 453 16.14 -2.92 16.00
N PRO A 454 14.87 -2.53 15.91
CA PRO A 454 13.93 -2.88 17.00
C PRO A 454 13.76 -4.36 17.19
N MET A 455 13.85 -5.19 16.11
CA MET A 455 13.73 -6.63 16.28
C MET A 455 14.89 -7.25 17.07
N GLY A 456 16.01 -6.54 17.23
CA GLY A 456 17.17 -7.16 17.87
C GLY A 456 17.62 -8.39 17.08
N ASN A 457 17.78 -9.52 17.77
CA ASN A 457 18.17 -10.79 17.17
C ASN A 457 16.97 -11.65 16.80
N SER A 458 15.73 -11.20 17.03
CA SER A 458 14.56 -12.05 16.86
C SER A 458 14.06 -12.10 15.42
N MET A 459 13.44 -13.23 15.08
N MET A 459 13.44 -13.22 15.08
CA MET A 459 12.73 -13.35 13.81
CA MET A 459 12.73 -13.35 13.81
C MET A 459 11.39 -12.61 13.89
C MET A 459 11.38 -12.63 13.89
N GLU A 460 10.80 -12.38 12.71
CA GLU A 460 9.55 -11.60 12.64
C GLU A 460 8.47 -12.14 13.58
N LYS A 461 8.20 -13.45 13.52
CA LYS A 461 7.08 -13.99 14.30
C LYS A 461 7.30 -13.82 15.79
N GLU A 462 8.49 -14.23 16.28
CA GLU A 462 8.82 -14.09 17.69
C GLU A 462 8.69 -12.64 18.15
N PHE A 463 9.16 -11.69 17.33
CA PHE A 463 9.11 -10.30 17.76
C PHE A 463 7.70 -9.73 17.76
N THR A 464 6.89 -10.05 16.75
CA THR A 464 5.54 -9.48 16.76
C THR A 464 4.69 -10.15 17.84
N ASP A 465 4.98 -11.42 18.20
CA ASP A 465 4.34 -12.04 19.37
C ASP A 465 4.79 -11.37 20.65
N TYR A 466 6.08 -11.01 20.75
CA TYR A 466 6.54 -10.27 21.91
C TYR A 466 5.79 -8.94 22.08
N LEU A 467 5.65 -8.19 20.99
CA LEU A 467 4.96 -6.88 21.07
C LEU A 467 3.53 -7.06 21.54
N PHE A 468 2.84 -8.07 21.02
CA PHE A 468 1.45 -8.24 21.37
C PHE A 468 1.30 -8.70 22.83
N ASN A 469 2.18 -9.60 23.27
CA ASN A 469 2.16 -9.98 24.68
C ASN A 469 2.48 -8.83 25.59
N LYS A 470 3.38 -7.95 25.16
CA LYS A 470 3.63 -6.76 25.93
C LYS A 470 2.37 -5.89 26.00
N SER A 471 1.64 -5.77 24.88
CA SER A 471 0.38 -5.02 24.90
C SER A 471 -0.58 -5.60 25.95
N LEU A 472 -0.73 -6.93 25.97
CA LEU A 472 -1.64 -7.58 26.89
C LEU A 472 -1.18 -7.43 28.34
N GLU A 473 0.12 -7.35 28.58
CA GLU A 473 0.64 -7.09 29.91
C GLU A 473 0.34 -5.67 30.37
N ILE A 474 0.56 -4.66 29.51
CA ILE A 474 0.46 -3.31 30.02
C ILE A 474 -0.99 -2.82 30.11
N GLU A 475 -1.90 -3.43 29.33
CA GLU A 475 -3.34 -3.15 29.40
C GLU A 475 -4.07 -4.48 29.22
N PRO A 476 -4.27 -5.23 30.32
CA PRO A 476 -4.88 -6.55 30.19
C PRO A 476 -6.31 -6.47 29.71
N ARG A 477 -6.75 -7.58 29.14
CA ARG A 477 -8.13 -7.66 28.66
C ARG A 477 -9.09 -7.56 29.85
N ASN A 478 -10.21 -6.88 29.65
CA ASN A 478 -11.36 -6.96 30.56
C ASN A 478 -11.80 -8.39 30.79
N PRO A 479 -12.21 -8.76 32.00
CA PRO A 479 -12.27 -8.01 33.27
C PRO A 479 -10.97 -7.92 34.09
N LYS A 480 -9.86 -8.51 33.66
CA LYS A 480 -8.62 -8.41 34.44
C LYS A 480 -8.34 -6.94 34.78
N PRO A 481 -7.85 -6.66 35.97
CA PRO A 481 -7.62 -5.26 36.36
C PRO A 481 -6.38 -4.67 35.70
N LEU A 482 -6.41 -3.35 35.50
CA LEU A 482 -5.31 -2.57 34.95
C LEU A 482 -4.24 -2.30 36.01
N PRO A 483 -3.09 -2.97 35.94
CA PRO A 483 -2.04 -2.69 36.92
C PRO A 483 -1.45 -1.31 36.72
N ARG A 484 -0.82 -0.81 37.77
CA ARG A 484 0.06 0.34 37.69
C ARG A 484 1.48 -0.18 37.51
N PHE A 485 2.31 0.62 36.84
CA PHE A 485 3.67 0.24 36.49
C PHE A 485 4.61 1.39 36.80
N PRO A 486 5.86 1.10 37.19
CA PRO A 486 6.80 2.15 37.55
C PRO A 486 7.29 2.90 36.33
N LYS A 487 7.69 4.13 36.53
CA LYS A 487 8.22 4.93 35.47
C LYS A 487 9.57 4.40 35.03
N LYS A 488 9.98 4.79 33.82
CA LYS A 488 11.30 4.37 33.29
C LYS A 488 12.08 5.58 32.79
N TYR A 489 11.42 6.71 32.59
CA TYR A 489 12.08 7.87 32.02
C TYR A 489 12.42 8.84 33.15
N SER A 490 13.71 9.11 33.30
CA SER A 490 14.22 9.97 34.37
C SER A 490 14.01 11.44 34.07
N TYR A 491 13.89 11.79 32.81
CA TYR A 491 13.83 13.16 32.36
C TYR A 491 12.38 13.60 32.23
N PRO A 492 12.13 14.88 32.00
CA PRO A 492 10.74 15.34 31.86
C PRO A 492 10.08 14.79 30.60
N LEU A 493 8.77 14.54 30.70
CA LEU A 493 7.94 14.07 29.59
C LEU A 493 7.34 15.19 28.76
N LYS A 494 7.40 16.44 29.23
CA LYS A 494 6.75 17.51 28.49
C LYS A 494 7.41 17.70 27.13
N SER A 495 6.52 17.90 26.02
CA SER A 495 7.11 18.06 24.70
C SER A 495 7.43 19.53 24.43
N PRO A 496 8.48 19.81 23.68
CA PRO A 496 8.72 21.18 23.25
C PRO A 496 7.79 21.65 22.17
N GLY A 497 6.93 20.80 21.62
CA GLY A 497 6.08 21.26 20.54
C GLY A 497 6.77 21.15 19.19
N VAL A 498 6.04 21.52 18.16
CA VAL A 498 6.53 21.39 16.79
C VAL A 498 6.50 22.73 16.07
N ARG A 499 6.46 23.87 16.86
CA ARG A 499 6.70 25.18 16.25
C ARG A 499 8.21 25.42 16.21
N PRO A 500 8.78 25.76 15.05
CA PRO A 500 10.23 25.94 15.00
C PRO A 500 10.62 27.26 15.69
N SER A 501 11.92 27.50 15.89
CA SER A 501 12.36 28.73 16.55
C SER A 501 12.27 29.98 15.66
N ASN A 502 12.97 30.05 14.53
CA ASN A 502 13.00 31.33 13.73
C ASN A 502 13.28 31.25 12.23
N MET B 22 -27.67 -1.17 -1.63
CA MET B 22 -27.40 -2.61 -1.63
C MET B 22 -26.28 -2.95 -0.66
N THR B 23 -26.11 -4.22 -0.31
CA THR B 23 -25.09 -4.59 0.65
C THR B 23 -23.71 -4.57 -0.01
N GLU B 24 -22.74 -3.98 0.69
CA GLU B 24 -21.33 -4.03 0.29
C GLU B 24 -20.56 -5.03 1.17
N TYR B 25 -19.68 -5.81 0.55
CA TYR B 25 -18.80 -6.71 1.28
C TYR B 25 -17.36 -6.28 1.06
N LYS B 26 -16.63 -6.03 2.14
CA LYS B 26 -15.22 -5.65 2.07
C LYS B 26 -14.40 -6.93 2.20
N LEU B 27 -13.87 -7.42 1.09
CA LEU B 27 -13.03 -8.62 1.11
C LEU B 27 -11.54 -8.24 1.06
N VAL B 28 -10.71 -8.99 1.76
CA VAL B 28 -9.27 -8.78 1.74
C VAL B 28 -8.58 -10.08 1.30
N VAL B 29 -7.71 -9.98 0.32
CA VAL B 29 -6.94 -11.14 -0.17
C VAL B 29 -5.57 -11.13 0.51
N VAL B 30 -5.16 -12.26 1.10
CA VAL B 30 -3.87 -12.32 1.80
C VAL B 30 -3.12 -13.57 1.38
N GLY B 31 -1.80 -13.54 1.57
CA GLY B 31 -1.00 -14.71 1.23
C GLY B 31 0.41 -14.31 0.85
N ALA B 32 1.26 -15.32 0.65
CA ALA B 32 2.67 -15.10 0.33
C ALA B 32 2.84 -14.48 -1.06
N VAL B 33 4.04 -13.96 -1.31
N VAL B 33 4.05 -13.97 -1.31
CA VAL B 33 4.30 -13.36 -2.60
CA VAL B 33 4.36 -13.41 -2.61
C VAL B 33 4.17 -14.42 -3.70
C VAL B 33 4.14 -14.45 -3.69
N GLY B 34 3.59 -14.01 -4.82
CA GLY B 34 3.60 -14.78 -6.04
C GLY B 34 2.65 -15.94 -6.10
N VAL B 35 1.68 -16.05 -5.17
CA VAL B 35 0.82 -17.24 -5.16
C VAL B 35 -0.41 -17.09 -6.05
N GLY B 36 -0.57 -15.95 -6.72
CA GLY B 36 -1.72 -15.70 -7.60
C GLY B 36 -2.83 -14.88 -7.00
N LYS B 37 -2.57 -14.16 -5.91
CA LYS B 37 -3.54 -13.23 -5.37
C LYS B 37 -4.06 -12.29 -6.43
N SER B 38 -3.15 -11.69 -7.20
N SER B 38 -3.16 -11.68 -7.21
CA SER B 38 -3.61 -10.68 -8.15
CA SER B 38 -3.64 -10.66 -8.14
C SER B 38 -4.37 -11.31 -9.32
C SER B 38 -4.32 -11.27 -9.36
N ALA B 39 -3.87 -12.44 -9.84
CA ALA B 39 -4.58 -13.06 -10.96
C ALA B 39 -6.02 -13.44 -10.57
N LEU B 40 -6.22 -13.97 -9.34
CA LEU B 40 -7.56 -14.30 -8.87
C LEU B 40 -8.45 -13.07 -8.85
N THR B 41 -7.93 -11.99 -8.24
CA THR B 41 -8.72 -10.78 -8.13
C THR B 41 -9.09 -10.25 -9.51
N ILE B 42 -8.10 -10.20 -10.40
CA ILE B 42 -8.36 -9.67 -11.74
C ILE B 42 -9.33 -10.55 -12.50
N GLN B 43 -9.17 -11.88 -12.37
CA GLN B 43 -10.12 -12.78 -13.09
C GLN B 43 -11.53 -12.66 -12.53
N LEU B 44 -11.66 -12.38 -11.24
CA LEU B 44 -13.01 -12.13 -10.70
C LEU B 44 -13.61 -10.86 -11.30
N ILE B 45 -12.82 -9.79 -11.35
CA ILE B 45 -13.35 -8.47 -11.70
C ILE B 45 -13.62 -8.37 -13.20
N GLN B 46 -12.70 -8.88 -14.03
N GLN B 46 -12.69 -8.79 -14.02
CA GLN B 46 -12.85 -8.79 -15.48
CA GLN B 46 -12.88 -8.64 -15.43
C GLN B 46 -14.14 -9.44 -15.93
C GLN B 46 -14.03 -9.43 -16.03
N ASN B 47 -14.83 -8.75 -16.83
CA ASN B 47 -15.75 -9.47 -17.70
C ASN B 47 -14.97 -10.54 -18.47
N HIS B 48 -15.58 -11.72 -18.61
CA HIS B 48 -14.86 -12.94 -19.10
C HIS B 48 -13.98 -12.82 -20.35
N PHE B 49 -14.37 -12.06 -21.36
CA PHE B 49 -13.57 -12.09 -22.62
C PHE B 49 -12.95 -10.72 -22.89
N VAL B 50 -12.74 -9.93 -21.84
CA VAL B 50 -12.02 -8.66 -21.99
C VAL B 50 -10.71 -8.79 -21.22
N ASP B 51 -9.59 -8.63 -21.92
CA ASP B 51 -8.26 -8.89 -21.36
C ASP B 51 -7.45 -7.59 -21.16
N GLU B 52 -8.07 -6.51 -20.68
CA GLU B 52 -7.40 -5.22 -20.53
C GLU B 52 -7.71 -4.62 -19.16
N TYR B 53 -6.74 -4.70 -18.24
CA TYR B 53 -6.93 -4.31 -16.87
C TYR B 53 -6.19 -3.00 -16.58
N ASP B 54 -6.88 -2.06 -15.92
CA ASP B 54 -6.31 -0.80 -15.49
C ASP B 54 -6.47 -0.71 -13.99
N PRO B 55 -5.41 -0.93 -13.21
CA PRO B 55 -5.62 -1.01 -11.75
C PRO B 55 -5.81 0.35 -11.09
N THR B 56 -5.67 1.45 -11.84
CA THR B 56 -5.79 2.76 -11.21
C THR B 56 -7.24 3.24 -11.04
N ILE B 57 -8.28 2.48 -11.44
CA ILE B 57 -9.66 2.97 -11.35
C ILE B 57 -10.54 2.07 -10.49
N GLU B 58 -11.63 2.66 -9.96
CA GLU B 58 -12.49 1.95 -9.00
C GLU B 58 -13.05 0.64 -9.58
N ASP B 59 -13.43 0.65 -10.85
CA ASP B 59 -14.02 -0.57 -11.40
C ASP B 59 -13.04 -1.71 -11.42
N SER B 60 -11.76 -1.46 -11.09
CA SER B 60 -10.82 -2.55 -11.09
C SER B 60 -10.86 -3.32 -9.78
N TYR B 61 -11.43 -2.74 -8.70
CA TYR B 61 -11.56 -3.50 -7.43
C TYR B 61 -12.97 -3.50 -6.84
N ARG B 62 -13.99 -3.00 -7.53
CA ARG B 62 -15.36 -3.03 -7.02
C ARG B 62 -16.26 -3.66 -8.07
N LYS B 63 -17.09 -4.63 -7.68
CA LYS B 63 -17.91 -5.33 -8.66
C LYS B 63 -19.27 -5.68 -8.08
N GLN B 64 -20.33 -5.36 -8.83
CA GLN B 64 -21.70 -5.73 -8.49
C GLN B 64 -22.00 -7.11 -9.04
N VAL B 65 -22.45 -8.01 -8.17
CA VAL B 65 -22.75 -9.38 -8.56
C VAL B 65 -24.04 -9.80 -7.85
N VAL B 66 -24.60 -10.93 -8.28
CA VAL B 66 -25.75 -11.52 -7.62
C VAL B 66 -25.32 -12.86 -7.07
N ILE B 67 -25.53 -13.07 -5.79
CA ILE B 67 -25.12 -14.30 -5.13
C ILE B 67 -26.31 -14.82 -4.34
N ASP B 68 -26.68 -16.09 -4.58
CA ASP B 68 -27.88 -16.70 -3.99
C ASP B 68 -29.07 -15.74 -4.05
N GLY B 69 -29.31 -15.17 -5.23
CA GLY B 69 -30.44 -14.28 -5.43
C GLY B 69 -30.28 -12.87 -4.92
N GLU B 70 -29.31 -12.61 -4.01
CA GLU B 70 -29.07 -11.26 -3.46
C GLU B 70 -27.99 -10.53 -4.25
N THR B 71 -28.28 -9.29 -4.66
CA THR B 71 -27.29 -8.51 -5.41
C THR B 71 -26.47 -7.67 -4.45
N CYS B 72 -25.15 -7.69 -4.66
CA CYS B 72 -24.30 -6.98 -3.73
C CYS B 72 -23.10 -6.39 -4.45
N LEU B 73 -22.39 -5.59 -3.71
CA LEU B 73 -21.20 -4.94 -4.21
C LEU B 73 -20.00 -5.57 -3.50
N LEU B 74 -19.07 -6.08 -4.26
CA LEU B 74 -17.87 -6.63 -3.71
C LEU B 74 -16.75 -5.60 -3.84
N ASP B 75 -16.10 -5.30 -2.76
CA ASP B 75 -14.97 -4.37 -2.76
C ASP B 75 -13.75 -5.22 -2.37
N ILE B 76 -12.81 -5.40 -3.28
CA ILE B 76 -11.73 -6.35 -3.00
C ILE B 76 -10.44 -5.56 -2.78
N LEU B 77 -9.79 -5.80 -1.64
CA LEU B 77 -8.51 -5.19 -1.36
C LEU B 77 -7.44 -6.24 -1.63
N ASP B 78 -6.64 -6.00 -2.66
CA ASP B 78 -5.55 -6.90 -3.03
C ASP B 78 -4.29 -6.05 -2.97
N THR B 79 -3.37 -6.35 -2.05
CA THR B 79 -2.17 -5.50 -1.97
C THR B 79 -0.94 -6.23 -2.49
N ALA B 80 -1.15 -7.22 -3.36
CA ALA B 80 -0.03 -7.96 -3.93
C ALA B 80 1.03 -7.00 -4.44
N GLY B 81 2.30 -7.38 -4.27
CA GLY B 81 3.42 -6.47 -4.58
C GLY B 81 3.89 -5.65 -3.37
N GLN B 82 3.10 -5.57 -2.29
CA GLN B 82 3.53 -4.93 -1.06
C GLN B 82 3.91 -5.91 0.05
N GLU B 83 4.18 -7.17 -0.29
CA GLU B 83 4.43 -8.17 0.77
C GLU B 83 5.61 -7.81 1.65
N GLU B 84 6.62 -7.11 1.10
CA GLU B 84 7.77 -6.71 1.94
C GLU B 84 7.41 -5.65 3.00
N TYR B 85 6.30 -4.93 2.84
CA TYR B 85 5.85 -4.02 3.90
C TYR B 85 5.15 -4.83 5.00
N SER B 86 5.93 -5.63 5.71
CA SER B 86 5.27 -6.62 6.56
C SER B 86 4.59 -5.99 7.78
N ALA B 87 5.02 -4.80 8.20
CA ALA B 87 4.33 -4.12 9.33
C ALA B 87 3.07 -3.39 8.93
N MET B 88 2.70 -3.37 7.64
CA MET B 88 1.42 -2.80 7.20
C MET B 88 0.30 -3.83 7.09
N ARG B 89 0.57 -5.12 7.32
CA ARG B 89 -0.47 -6.11 7.11
C ARG B 89 -1.64 -5.86 8.06
N ASP B 90 -1.36 -5.50 9.31
CA ASP B 90 -2.48 -5.25 10.25
C ASP B 90 -3.39 -4.15 9.74
N GLN B 91 -2.79 -3.07 9.24
CA GLN B 91 -3.59 -1.96 8.70
C GLN B 91 -4.50 -2.41 7.57
N TYR B 92 -3.94 -3.17 6.60
CA TYR B 92 -4.76 -3.66 5.49
C TYR B 92 -5.84 -4.66 5.97
N MET B 93 -5.45 -5.61 6.83
CA MET B 93 -6.42 -6.62 7.30
C MET B 93 -7.54 -5.98 8.09
N ARG B 94 -7.23 -4.93 8.86
CA ARG B 94 -8.28 -4.31 9.67
C ARG B 94 -9.41 -3.75 8.82
N THR B 95 -9.17 -3.42 7.54
CA THR B 95 -10.26 -2.91 6.70
C THR B 95 -11.30 -3.98 6.34
N GLY B 96 -11.00 -5.26 6.50
CA GLY B 96 -11.88 -6.28 5.99
C GLY B 96 -12.89 -6.99 6.80
N GLU B 97 -13.94 -7.47 6.13
CA GLU B 97 -15.01 -8.24 6.70
C GLU B 97 -14.74 -9.69 6.54
N GLY B 98 -14.20 -10.10 5.41
CA GLY B 98 -13.80 -11.49 5.26
C GLY B 98 -12.54 -11.59 4.42
N PHE B 99 -11.88 -12.74 4.53
CA PHE B 99 -10.49 -12.91 4.07
C PHE B 99 -10.39 -14.11 3.16
N LEU B 100 -9.77 -13.92 2.00
CA LEU B 100 -9.36 -15.03 1.15
C LEU B 100 -7.87 -15.31 1.45
N CYS B 101 -7.58 -16.43 2.08
CA CYS B 101 -6.21 -16.81 2.44
C CYS B 101 -5.66 -17.72 1.32
N VAL B 102 -4.72 -17.21 0.53
CA VAL B 102 -4.33 -17.87 -0.72
C VAL B 102 -2.92 -18.46 -0.58
N PHE B 103 -2.71 -19.68 -1.10
CA PHE B 103 -1.39 -20.29 -1.23
C PHE B 103 -1.32 -20.90 -2.64
N ALA B 104 -0.08 -21.19 -3.10
CA ALA B 104 0.12 -21.82 -4.41
C ALA B 104 0.34 -23.32 -4.22
N ILE B 105 -0.37 -24.14 -4.98
CA ILE B 105 -0.30 -25.58 -4.69
C ILE B 105 1.06 -26.17 -5.08
N ASN B 106 1.87 -25.44 -5.84
CA ASN B 106 3.25 -25.80 -6.15
C ASN B 106 4.28 -25.19 -5.19
N ASN B 107 3.86 -24.55 -4.10
CA ASN B 107 4.77 -23.77 -3.25
C ASN B 107 4.49 -24.12 -1.80
N THR B 108 5.25 -25.08 -1.26
CA THR B 108 4.97 -25.61 0.08
C THR B 108 5.10 -24.54 1.14
N LYS B 109 6.05 -23.62 1.00
CA LYS B 109 6.24 -22.61 2.04
C LYS B 109 5.02 -21.69 2.12
N SER B 110 4.39 -21.41 0.97
CA SER B 110 3.23 -20.53 1.01
C SER B 110 2.10 -21.20 1.75
N PHE B 111 2.05 -22.53 1.70
CA PHE B 111 1.03 -23.25 2.46
C PHE B 111 1.35 -23.23 3.95
N GLU B 112 2.62 -23.38 4.31
CA GLU B 112 3.03 -23.30 5.72
C GLU B 112 2.83 -21.91 6.32
N ASP B 113 2.90 -20.85 5.49
CA ASP B 113 2.63 -19.48 5.95
C ASP B 113 1.17 -19.27 6.36
N ILE B 114 0.24 -20.04 5.79
CA ILE B 114 -1.18 -19.78 6.02
C ILE B 114 -1.52 -19.66 7.50
N HIS B 115 -1.00 -20.57 8.35
N HIS B 115 -0.97 -20.54 8.33
CA HIS B 115 -1.34 -20.51 9.77
CA HIS B 115 -1.34 -20.51 9.74
C HIS B 115 -1.02 -19.14 10.34
C HIS B 115 -0.97 -19.18 10.39
N HIS B 116 0.12 -18.55 9.94
CA HIS B 116 0.51 -17.26 10.49
C HIS B 116 -0.42 -16.14 10.02
N TYR B 117 -0.85 -16.18 8.74
CA TYR B 117 -1.81 -15.16 8.27
C TYR B 117 -3.09 -15.27 9.06
N ARG B 118 -3.58 -16.49 9.26
N ARG B 118 -3.57 -16.49 9.25
CA ARG B 118 -4.84 -16.65 9.96
CA ARG B 118 -4.83 -16.68 9.96
C ARG B 118 -4.74 -16.14 11.39
C ARG B 118 -4.72 -16.16 11.40
N GLU B 119 -3.63 -16.45 12.09
N GLU B 119 -3.60 -16.47 12.07
CA GLU B 119 -3.47 -15.97 13.46
CA GLU B 119 -3.40 -16.01 13.44
C GLU B 119 -3.39 -14.45 13.49
C GLU B 119 -3.35 -14.48 13.50
N GLN B 120 -2.70 -13.83 12.53
CA GLN B 120 -2.64 -12.38 12.48
C GLN B 120 -4.02 -11.77 12.27
N ILE B 121 -4.86 -12.39 11.40
CA ILE B 121 -6.21 -11.90 11.15
C ILE B 121 -7.06 -11.98 12.43
N LYS B 122 -7.04 -13.13 13.11
CA LYS B 122 -7.80 -13.28 14.36
C LYS B 122 -7.38 -12.21 15.39
N ARG B 123 -6.08 -11.94 15.44
CA ARG B 123 -5.59 -10.92 16.37
C ARG B 123 -6.10 -9.54 15.98
N VAL B 124 -6.05 -9.20 14.72
CA VAL B 124 -6.53 -7.92 14.25
C VAL B 124 -8.02 -7.74 14.45
N LYS B 125 -8.76 -8.78 14.15
CA LYS B 125 -10.21 -8.76 14.33
C LYS B 125 -10.65 -9.06 15.76
N ASP B 126 -9.70 -9.39 16.66
CA ASP B 126 -9.99 -9.77 18.04
C ASP B 126 -11.19 -10.72 18.10
N SER B 127 -11.06 -11.84 17.39
CA SER B 127 -12.16 -12.78 17.23
C SER B 127 -11.59 -14.11 16.80
N GLU B 128 -12.23 -15.17 17.29
CA GLU B 128 -11.89 -16.53 16.95
C GLU B 128 -12.62 -17.04 15.73
N ASP B 129 -13.73 -16.42 15.31
CA ASP B 129 -14.40 -16.91 14.11
C ASP B 129 -14.56 -15.70 13.18
N VAL B 130 -13.59 -15.58 12.31
CA VAL B 130 -13.56 -14.54 11.28
C VAL B 130 -13.94 -15.21 9.99
N PRO B 131 -14.87 -14.64 9.18
CA PRO B 131 -15.18 -15.23 7.86
C PRO B 131 -13.93 -15.29 6.98
N MET B 132 -13.66 -16.47 6.46
CA MET B 132 -12.39 -16.76 5.82
C MET B 132 -12.59 -17.97 4.93
N VAL B 133 -11.88 -18.01 3.81
CA VAL B 133 -11.85 -19.16 2.92
C VAL B 133 -10.38 -19.44 2.60
N LEU B 134 -9.99 -20.71 2.65
CA LEU B 134 -8.67 -21.11 2.20
C LEU B 134 -8.70 -21.43 0.69
N VAL B 135 -7.78 -20.85 -0.07
CA VAL B 135 -7.74 -21.01 -1.52
C VAL B 135 -6.40 -21.58 -1.93
N GLY B 136 -6.40 -22.73 -2.62
CA GLY B 136 -5.16 -23.21 -3.16
C GLY B 136 -5.20 -23.03 -4.67
N ASN B 137 -4.35 -22.16 -5.16
CA ASN B 137 -4.30 -21.81 -6.55
C ASN B 137 -3.28 -22.58 -7.37
N LYS B 138 -3.68 -23.03 -8.52
CA LYS B 138 -2.83 -23.78 -9.41
C LYS B 138 -2.01 -22.85 -10.28
N PRO B 142 4.48 -25.41 -12.67
CA PRO B 142 5.27 -26.54 -12.18
C PRO B 142 4.37 -27.59 -11.53
N SER B 143 4.84 -28.46 -10.67
CA SER B 143 3.84 -29.46 -10.29
C SER B 143 3.47 -29.36 -8.80
N ARG B 144 2.50 -30.16 -8.43
CA ARG B 144 1.95 -30.16 -7.10
C ARG B 144 2.77 -30.61 -5.94
N THR B 145 2.94 -29.77 -4.95
CA THR B 145 3.61 -30.24 -3.77
C THR B 145 2.75 -30.23 -2.53
N VAL B 146 1.58 -29.58 -2.56
CA VAL B 146 0.63 -29.61 -1.44
C VAL B 146 -0.55 -30.49 -1.85
N ASP B 147 -0.79 -31.55 -1.07
CA ASP B 147 -1.88 -32.48 -1.36
C ASP B 147 -3.20 -31.81 -1.08
N THR B 148 -4.19 -32.05 -1.94
CA THR B 148 -5.55 -31.61 -1.61
C THR B 148 -5.94 -32.01 -0.18
N LYS B 149 -5.63 -33.26 0.22
CA LYS B 149 -6.10 -33.71 1.53
C LYS B 149 -5.51 -32.85 2.66
N GLN B 150 -4.23 -32.49 2.54
CA GLN B 150 -3.57 -31.65 3.56
C GLN B 150 -4.26 -30.32 3.69
N ALA B 151 -4.57 -29.67 2.55
CA ALA B 151 -5.26 -28.38 2.60
C ALA B 151 -6.68 -28.53 3.12
N GLN B 152 -7.41 -29.60 2.71
CA GLN B 152 -8.75 -29.80 3.28
C GLN B 152 -8.69 -29.99 4.80
N ASP B 153 -7.71 -30.77 5.26
CA ASP B 153 -7.59 -31.02 6.70
C ASP B 153 -7.22 -29.73 7.45
N LEU B 154 -6.34 -28.91 6.87
CA LEU B 154 -6.02 -27.63 7.52
C LEU B 154 -7.28 -26.79 7.59
N ALA B 155 -8.01 -26.66 6.47
CA ALA B 155 -9.21 -25.84 6.50
C ALA B 155 -10.21 -26.37 7.52
N ARG B 156 -10.42 -27.69 7.58
N ARG B 156 -10.41 -27.70 7.55
CA ARG B 156 -11.36 -28.22 8.55
CA ARG B 156 -11.32 -28.30 8.53
C ARG B 156 -10.91 -27.95 9.99
C ARG B 156 -10.89 -27.95 9.96
N SER B 157 -9.60 -27.98 10.25
CA SER B 157 -9.14 -27.66 11.60
C SER B 157 -9.45 -26.21 11.99
N TYR B 158 -9.58 -25.31 11.00
CA TYR B 158 -9.98 -23.93 11.21
C TYR B 158 -11.48 -23.72 11.14
N GLY B 159 -12.24 -24.72 10.70
CA GLY B 159 -13.66 -24.46 10.54
C GLY B 159 -14.02 -23.62 9.33
N ILE B 160 -13.25 -23.69 8.25
CA ILE B 160 -13.48 -22.82 7.10
C ILE B 160 -13.48 -23.65 5.83
N PRO B 161 -14.13 -23.16 4.77
CA PRO B 161 -14.11 -23.88 3.48
C PRO B 161 -12.75 -23.81 2.81
N PHE B 162 -12.46 -24.82 1.97
CA PHE B 162 -11.29 -24.83 1.10
C PHE B 162 -11.75 -24.89 -0.35
N ILE B 163 -11.10 -24.11 -1.24
CA ILE B 163 -11.45 -24.10 -2.65
C ILE B 163 -10.15 -24.10 -3.46
N GLU B 164 -10.06 -24.97 -4.45
CA GLU B 164 -8.95 -24.91 -5.39
C GLU B 164 -9.34 -24.10 -6.63
N THR B 165 -8.40 -23.32 -7.15
CA THR B 165 -8.65 -22.48 -8.30
C THR B 165 -7.55 -22.65 -9.34
N SER B 166 -7.87 -22.21 -10.56
CA SER B 166 -6.87 -22.06 -11.61
C SER B 166 -7.21 -20.70 -12.19
N ALA B 167 -6.50 -19.67 -11.74
CA ALA B 167 -6.85 -18.33 -12.19
C ALA B 167 -6.76 -18.27 -13.68
N LYS B 168 -5.83 -19.04 -14.25
CA LYS B 168 -5.56 -19.03 -15.69
C LYS B 168 -6.75 -19.54 -16.52
N THR B 169 -7.44 -20.61 -16.09
CA THR B 169 -8.63 -21.06 -16.82
C THR B 169 -9.90 -20.48 -16.26
N ARG B 170 -9.76 -19.77 -15.16
CA ARG B 170 -10.85 -19.16 -14.46
C ARG B 170 -11.62 -20.17 -13.67
N GLN B 171 -11.18 -21.39 -13.62
CA GLN B 171 -11.92 -22.41 -12.87
C GLN B 171 -11.85 -22.12 -11.36
N GLY B 172 -13.00 -22.14 -10.71
CA GLY B 172 -13.04 -21.97 -9.25
C GLY B 172 -12.93 -20.54 -8.76
N VAL B 173 -12.70 -19.56 -9.66
CA VAL B 173 -12.48 -18.17 -9.19
C VAL B 173 -13.77 -17.61 -8.58
N ASP B 174 -14.88 -17.69 -9.31
CA ASP B 174 -16.12 -17.18 -8.74
C ASP B 174 -16.52 -17.94 -7.47
N ASP B 175 -16.36 -19.27 -7.50
CA ASP B 175 -16.68 -20.07 -6.33
C ASP B 175 -15.88 -19.59 -5.10
N ALA B 176 -14.61 -19.24 -5.27
CA ALA B 176 -13.82 -18.83 -4.11
C ALA B 176 -14.40 -17.55 -3.48
N PHE B 177 -14.65 -16.52 -4.31
CA PHE B 177 -15.16 -15.27 -3.76
C PHE B 177 -16.61 -15.42 -3.27
N TYR B 178 -17.44 -16.14 -4.01
CA TYR B 178 -18.85 -16.28 -3.58
C TYR B 178 -18.96 -17.08 -2.30
N THR B 179 -18.15 -18.13 -2.16
CA THR B 179 -18.10 -18.88 -0.91
C THR B 179 -17.73 -17.95 0.26
N LEU B 180 -16.73 -17.07 0.07
CA LEU B 180 -16.43 -16.09 1.14
C LEU B 180 -17.62 -15.21 1.43
N VAL B 181 -18.33 -14.72 0.40
CA VAL B 181 -19.53 -13.92 0.68
C VAL B 181 -20.54 -14.73 1.50
N ARG B 182 -20.73 -16.00 1.15
CA ARG B 182 -21.60 -16.86 1.93
C ARG B 182 -21.15 -16.98 3.37
N GLU B 183 -19.85 -17.18 3.59
CA GLU B 183 -19.33 -17.22 4.96
C GLU B 183 -19.65 -15.93 5.71
N ILE B 184 -19.52 -14.78 5.04
CA ILE B 184 -19.79 -13.51 5.74
C ILE B 184 -21.26 -13.44 6.13
N ARG B 185 -22.15 -13.83 5.22
CA ARG B 185 -23.58 -13.85 5.51
C ARG B 185 -23.89 -14.77 6.68
N LYS B 186 -23.31 -15.97 6.69
CA LYS B 186 -23.57 -16.90 7.79
C LYS B 186 -23.09 -16.32 9.11
N HIS B 187 -22.03 -15.57 9.10
CA HIS B 187 -21.52 -14.99 10.30
C HIS B 187 -22.41 -13.88 10.84
N LYS B 188 -22.98 -13.09 9.98
CA LYS B 188 -23.84 -12.01 10.39
C LYS B 188 -25.20 -12.50 10.86
N GLU B 189 -25.60 -13.69 10.45
CA GLU B 189 -26.88 -14.25 10.82
C GLU B 189 -26.83 -15.07 12.08
N GLN C 1 -20.61 6.73 5.77
CA GLN C 1 -21.94 6.32 5.34
C GLN C 1 -22.52 5.26 6.31
N VAL C 2 -21.80 4.99 7.40
CA VAL C 2 -22.40 4.24 8.50
C VAL C 2 -23.55 5.06 9.08
N GLN C 3 -24.68 4.42 9.32
CA GLN C 3 -25.76 5.12 10.01
C GLN C 3 -26.17 4.38 11.28
N LEU C 4 -26.60 5.16 12.26
CA LEU C 4 -26.97 4.64 13.57
C LEU C 4 -28.48 4.71 13.66
N VAL C 5 -29.12 3.58 13.91
CA VAL C 5 -30.58 3.53 13.98
C VAL C 5 -30.96 3.25 15.44
N GLU C 6 -31.66 4.19 16.07
CA GLU C 6 -32.05 4.12 17.47
C GLU C 6 -33.42 3.47 17.60
N SER C 7 -33.66 2.81 18.74
CA SER C 7 -35.01 2.39 19.01
C SER C 7 -35.19 2.38 20.51
N GLY C 8 -36.46 2.32 20.92
CA GLY C 8 -36.79 2.49 22.32
C GLY C 8 -37.16 3.93 22.64
N GLY C 9 -37.26 4.20 23.92
CA GLY C 9 -37.48 5.56 24.40
C GLY C 9 -38.96 5.85 24.57
N GLY C 10 -39.24 7.12 24.80
CA GLY C 10 -40.60 7.56 24.86
C GLY C 10 -40.98 7.91 26.28
N LEU C 11 -42.26 7.83 26.60
CA LEU C 11 -42.76 8.29 27.90
C LEU C 11 -42.74 7.15 28.93
N VAL C 12 -42.34 7.46 30.17
CA VAL C 12 -42.29 6.45 31.22
C VAL C 12 -42.51 7.15 32.55
N GLN C 13 -43.16 6.47 33.51
CA GLN C 13 -43.25 7.02 34.88
C GLN C 13 -41.92 7.08 35.62
N ALA C 14 -41.75 8.13 36.44
CA ALA C 14 -40.61 8.19 37.33
C ALA C 14 -40.55 6.92 38.19
N GLY C 15 -39.35 6.39 38.41
CA GLY C 15 -39.17 5.13 39.09
C GLY C 15 -39.11 3.92 38.21
N GLY C 16 -39.54 4.03 36.98
CA GLY C 16 -39.67 2.93 36.04
C GLY C 16 -38.37 2.68 35.27
N SER C 17 -38.50 1.99 34.13
CA SER C 17 -37.34 1.52 33.37
C SER C 17 -37.63 1.63 31.87
N LEU C 18 -36.56 1.84 31.09
CA LEU C 18 -36.60 1.81 29.62
C LEU C 18 -35.30 1.20 29.12
N ARG C 19 -35.32 0.61 27.93
CA ARG C 19 -34.07 0.18 27.30
C ARG C 19 -33.97 0.91 25.97
N LEU C 20 -32.87 1.63 25.76
CA LEU C 20 -32.61 2.18 24.45
C LEU C 20 -31.73 1.18 23.69
N SER C 21 -31.90 1.14 22.37
CA SER C 21 -31.10 0.27 21.53
C SER C 21 -30.52 1.05 20.34
N CYS C 22 -29.33 0.66 19.90
CA CYS C 22 -28.67 1.30 18.77
C CYS C 22 -28.10 0.22 17.84
N ALA C 23 -28.31 0.35 16.52
CA ALA C 23 -27.74 -0.62 15.57
C ALA C 23 -27.09 0.13 14.41
N ALA C 24 -25.82 -0.14 14.17
CA ALA C 24 -25.12 0.54 13.09
C ALA C 24 -25.48 -0.18 11.79
N SER C 25 -25.68 0.58 10.73
CA SER C 25 -26.26 0.01 9.50
C SER C 25 -25.22 -0.74 8.66
N ARG C 26 -24.16 -0.08 8.23
CA ARG C 26 -23.35 -0.57 7.12
C ARG C 26 -21.89 -0.43 7.48
N SER C 27 -21.35 -1.36 8.24
CA SER C 27 -19.97 -1.23 8.69
C SER C 27 -19.19 -2.50 8.40
N SER C 28 -17.93 -2.31 8.06
CA SER C 28 -17.08 -3.43 7.68
C SER C 28 -16.30 -4.01 8.86
N PHE C 29 -16.18 -3.29 9.97
CA PHE C 29 -15.40 -3.78 11.09
C PHE C 29 -15.99 -3.23 12.38
N THR C 30 -15.53 -3.79 13.51
CA THR C 30 -16.08 -3.39 14.80
C THR C 30 -15.81 -1.89 15.04
N ILE C 31 -16.89 -1.11 15.19
CA ILE C 31 -16.83 0.24 15.75
C ILE C 31 -16.06 0.25 17.07
N ASN C 32 -15.05 1.14 17.18
CA ASN C 32 -14.24 1.09 18.40
C ASN C 32 -15.05 1.38 19.66
N ARG C 33 -15.92 2.38 19.61
CA ARG C 33 -16.60 2.84 20.84
C ARG C 33 -18.02 3.24 20.47
N MET C 34 -18.99 2.64 21.13
CA MET C 34 -20.38 3.04 21.01
C MET C 34 -20.88 3.63 22.32
N GLY C 35 -21.79 4.60 22.25
CA GLY C 35 -22.25 5.20 23.49
C GLY C 35 -23.55 5.95 23.28
N TRP C 36 -24.04 6.51 24.38
CA TRP C 36 -25.20 7.38 24.40
C TRP C 36 -24.82 8.69 25.06
N TYR C 37 -25.36 9.77 24.49
CA TYR C 37 -25.27 11.12 24.98
C TYR C 37 -26.71 11.58 25.20
N ARG C 38 -26.90 12.58 26.06
CA ARG C 38 -28.25 13.14 26.15
C ARG C 38 -28.18 14.64 26.27
N GLN C 39 -29.27 15.29 25.87
CA GLN C 39 -29.36 16.74 25.96
C GLN C 39 -30.71 17.14 26.51
N ALA C 40 -30.69 17.67 27.70
CA ALA C 40 -31.92 18.16 28.33
C ALA C 40 -32.16 19.62 27.90
N PRO C 41 -33.39 20.11 28.05
CA PRO C 41 -33.70 21.51 27.67
C PRO C 41 -32.79 22.50 28.40
N GLY C 42 -32.17 23.39 27.65
CA GLY C 42 -31.35 24.38 28.30
C GLY C 42 -29.92 23.95 28.60
N LYS C 43 -29.56 22.67 28.38
CA LYS C 43 -28.23 22.16 28.78
C LYS C 43 -27.41 21.70 27.59
N GLN C 44 -26.10 21.53 27.81
CA GLN C 44 -25.27 20.96 26.75
C GLN C 44 -25.54 19.47 26.63
N ARG C 45 -25.20 18.90 25.49
CA ARG C 45 -25.27 17.47 25.26
C ARG C 45 -24.15 16.84 26.08
N GLU C 46 -24.43 15.79 26.84
CA GLU C 46 -23.41 15.24 27.72
C GLU C 46 -23.36 13.73 27.58
N LEU C 47 -22.19 13.16 27.88
CA LEU C 47 -22.09 11.69 27.90
C LEU C 47 -22.99 11.08 28.97
N VAL C 48 -23.68 10.02 28.58
CA VAL C 48 -24.39 9.13 29.55
C VAL C 48 -23.56 7.88 29.87
N ALA C 49 -23.14 7.16 28.84
CA ALA C 49 -22.32 5.95 29.03
C ALA C 49 -21.71 5.57 27.68
N ASP C 50 -20.50 4.99 27.69
CA ASP C 50 -20.01 4.43 26.45
C ASP C 50 -19.24 3.14 26.73
N ILE C 51 -18.93 2.38 25.67
CA ILE C 51 -18.29 1.08 25.85
C ILE C 51 -17.48 0.75 24.59
N THR C 52 -16.20 0.38 24.82
CA THR C 52 -15.29 0.05 23.72
C THR C 52 -15.47 -1.41 23.31
N SER C 53 -14.93 -1.76 22.12
CA SER C 53 -15.02 -3.14 21.68
C SER C 53 -14.28 -4.09 22.63
N GLY C 54 -13.32 -3.61 23.38
CA GLY C 54 -12.69 -4.37 24.42
C GLY C 54 -13.43 -4.38 25.74
N GLY C 55 -14.66 -3.83 25.80
CA GLY C 55 -15.48 -3.91 27.00
C GLY C 55 -15.22 -2.86 28.06
N ASN C 56 -14.35 -1.87 27.83
CA ASN C 56 -14.12 -0.82 28.81
C ASN C 56 -15.24 0.21 28.73
N ARG C 57 -15.75 0.62 29.89
CA ARG C 57 -16.97 1.44 29.98
C ARG C 57 -16.71 2.74 30.70
N ASN C 58 -17.50 3.76 30.37
CA ASN C 58 -17.59 4.98 31.19
C ASN C 58 -19.06 5.26 31.46
N TYR C 59 -19.36 5.75 32.67
CA TYR C 59 -20.72 6.18 33.02
C TYR C 59 -20.64 7.57 33.57
N ALA C 60 -21.59 8.42 33.23
CA ALA C 60 -21.76 9.68 33.93
C ALA C 60 -22.03 9.42 35.41
N ASP C 61 -21.47 10.28 36.28
CA ASP C 61 -21.71 10.14 37.73
C ASP C 61 -23.20 10.09 38.06
N SER C 62 -24.03 10.89 37.35
CA SER C 62 -25.45 10.95 37.69
C SER C 62 -26.25 9.68 37.32
N VAL C 63 -25.71 8.75 36.54
CA VAL C 63 -26.43 7.54 36.21
C VAL C 63 -25.77 6.27 36.77
N LYS C 64 -24.60 6.37 37.41
CA LYS C 64 -23.94 5.16 37.88
C LYS C 64 -24.81 4.42 38.88
N GLY C 65 -24.85 3.11 38.77
CA GLY C 65 -25.71 2.29 39.59
C GLY C 65 -27.12 2.11 39.06
N ARG C 66 -27.59 3.01 38.20
CA ARG C 66 -28.95 2.93 37.65
C ARG C 66 -28.97 2.47 36.20
N PHE C 67 -27.98 2.91 35.41
CA PHE C 67 -27.95 2.62 33.97
C PHE C 67 -26.85 1.60 33.72
N THR C 68 -27.08 0.72 32.74
CA THR C 68 -26.15 -0.32 32.33
C THR C 68 -26.03 -0.25 30.81
N ILE C 69 -24.79 -0.19 30.29
CA ILE C 69 -24.57 -0.25 28.85
C ILE C 69 -23.96 -1.60 28.52
N ALA C 70 -24.30 -2.13 27.34
CA ALA C 70 -23.84 -3.45 26.93
C ALA C 70 -23.71 -3.41 25.42
N ARG C 71 -22.79 -4.20 24.89
CA ARG C 71 -22.80 -4.26 23.43
C ARG C 71 -22.50 -5.67 22.96
N ASP C 72 -22.86 -5.91 21.71
CA ASP C 72 -22.52 -7.14 20.96
C ASP C 72 -21.50 -6.78 19.87
N ASN C 73 -20.21 -7.08 20.10
CA ASN C 73 -19.16 -6.58 19.19
C ASN C 73 -19.43 -6.97 17.76
N ALA C 74 -19.72 -8.27 17.54
CA ALA C 74 -19.88 -8.83 16.20
C ALA C 74 -20.98 -8.15 15.42
N LYS C 75 -21.96 -7.56 16.11
CA LYS C 75 -23.09 -6.96 15.41
C LYS C 75 -23.08 -5.44 15.35
N ASN C 76 -22.10 -4.74 15.98
CA ASN C 76 -22.12 -3.27 16.03
C ASN C 76 -23.48 -2.75 16.51
N THR C 77 -24.05 -3.42 17.52
CA THR C 77 -25.23 -2.96 18.22
C THR C 77 -24.90 -2.73 19.68
N ALA C 78 -25.69 -1.88 20.32
CA ALA C 78 -25.46 -1.66 21.75
C ALA C 78 -26.83 -1.37 22.37
N TYR C 79 -26.92 -1.49 23.70
CA TYR C 79 -28.15 -1.09 24.37
C TYR C 79 -27.83 -0.43 25.70
N LEU C 80 -28.80 0.35 26.20
CA LEU C 80 -28.67 1.10 27.44
C LEU C 80 -29.90 0.79 28.30
N GLN C 81 -29.69 0.05 29.38
CA GLN C 81 -30.77 -0.31 30.31
C GLN C 81 -30.88 0.79 31.35
N MET C 82 -32.00 1.54 31.34
CA MET C 82 -32.12 2.73 32.19
C MET C 82 -33.13 2.41 33.28
N ASN C 83 -32.67 2.22 34.52
CA ASN C 83 -33.59 1.88 35.61
C ASN C 83 -33.76 3.03 36.60
N SER C 84 -34.84 2.99 37.39
CA SER C 84 -35.08 3.97 38.44
C SER C 84 -34.98 5.41 37.88
N LEU C 85 -35.69 5.61 36.79
CA LEU C 85 -35.61 6.87 36.06
C LEU C 85 -36.17 8.00 36.92
N LYS C 86 -35.59 9.17 36.74
CA LYS C 86 -35.92 10.41 37.49
C LYS C 86 -36.33 11.49 36.50
N PRO C 87 -37.15 12.45 36.92
CA PRO C 87 -37.54 13.53 36.00
C PRO C 87 -36.34 14.23 35.39
N GLU C 88 -35.24 14.33 36.13
CA GLU C 88 -33.99 14.89 35.60
C GLU C 88 -33.40 14.09 34.45
N ASP C 89 -33.83 12.83 34.25
CA ASP C 89 -33.38 12.03 33.11
C ASP C 89 -34.11 12.37 31.80
N THR C 90 -35.15 13.20 31.85
CA THR C 90 -35.84 13.62 30.63
C THR C 90 -34.85 14.39 29.74
N ALA C 91 -34.84 14.04 28.46
CA ALA C 91 -33.81 14.53 27.50
C ALA C 91 -34.07 13.94 26.13
N VAL C 92 -33.30 14.42 25.11
CA VAL C 92 -33.19 13.69 23.86
C VAL C 92 -31.93 12.87 24.06
N TYR C 93 -32.00 11.56 23.77
CA TYR C 93 -30.86 10.67 23.90
C TYR C 93 -30.36 10.32 22.51
N TYR C 94 -29.03 10.31 22.33
CA TYR C 94 -28.41 10.06 21.03
C TYR C 94 -27.42 8.92 21.12
N CYS C 95 -27.54 7.96 20.19
CA CYS C 95 -26.53 6.94 20.00
C CYS C 95 -25.32 7.62 19.35
N ASN C 96 -24.09 7.18 19.71
CA ASN C 96 -22.88 7.82 19.20
C ASN C 96 -21.88 6.72 18.87
N ALA C 97 -21.12 6.90 17.80
CA ALA C 97 -20.09 5.92 17.44
C ALA C 97 -18.78 6.62 17.12
N LYS C 98 -17.68 6.16 17.69
CA LYS C 98 -16.32 6.57 17.30
C LYS C 98 -15.72 5.36 16.62
N ILE C 99 -15.37 5.50 15.35
CA ILE C 99 -14.93 4.36 14.54
C ILE C 99 -13.64 3.77 15.09
N HIS C 100 -12.65 4.62 15.40
CA HIS C 100 -11.30 4.25 15.83
C HIS C 100 -10.98 4.81 17.21
N PRO C 101 -9.93 4.31 17.88
CA PRO C 101 -9.57 4.88 19.19
C PRO C 101 -9.11 6.32 19.10
N TRP C 102 -8.67 6.78 17.92
CA TRP C 102 -8.30 8.17 17.72
C TRP C 102 -9.39 9.00 17.07
N SER C 103 -10.59 8.45 16.93
CA SER C 103 -11.68 9.18 16.25
C SER C 103 -12.13 10.41 17.05
N VAL C 104 -12.30 11.54 16.37
CA VAL C 104 -12.86 12.76 17.00
C VAL C 104 -14.17 13.07 16.26
N ALA C 105 -14.24 12.71 14.99
CA ALA C 105 -15.49 12.87 14.22
C ALA C 105 -16.56 12.00 14.87
N ASP C 106 -17.77 12.52 14.97
CA ASP C 106 -18.87 11.81 15.62
C ASP C 106 -19.75 11.23 14.55
N LEU C 107 -20.22 10.02 14.77
CA LEU C 107 -21.40 9.54 14.06
C LEU C 107 -22.55 9.58 15.08
N TRP C 108 -23.67 10.20 14.72
CA TRP C 108 -24.79 10.39 15.65
C TRP C 108 -26.05 9.73 15.14
N GLY C 109 -26.85 9.16 16.06
CA GLY C 109 -28.24 8.85 15.72
C GLY C 109 -29.08 10.10 15.58
N GLN C 110 -30.36 9.89 15.19
N GLN C 110 -30.32 9.89 15.17
CA GLN C 110 -31.28 11.03 15.02
CA GLN C 110 -31.28 10.97 15.04
C GLN C 110 -31.74 11.62 16.35
C GLN C 110 -31.68 11.61 16.36
N GLY C 111 -31.64 10.84 17.44
CA GLY C 111 -32.07 11.40 18.71
C GLY C 111 -33.45 10.86 19.06
N THR C 112 -33.62 10.46 20.32
CA THR C 112 -34.80 9.74 20.80
C THR C 112 -35.28 10.46 22.04
N GLN C 113 -36.51 10.98 22.00
CA GLN C 113 -37.07 11.62 23.18
C GLN C 113 -37.32 10.59 24.30
N VAL C 114 -36.92 10.94 25.50
CA VAL C 114 -37.25 10.19 26.71
C VAL C 114 -37.87 11.21 27.66
N THR C 115 -39.09 10.93 28.12
CA THR C 115 -39.80 11.88 28.98
C THR C 115 -40.22 11.12 30.22
N VAL C 116 -39.71 11.52 31.36
CA VAL C 116 -39.96 10.83 32.62
C VAL C 116 -40.96 11.67 33.41
N SER C 117 -42.18 11.15 33.58
CA SER C 117 -43.21 11.93 34.28
C SER C 117 -43.28 11.56 35.75
N SER C 118 -43.61 12.56 36.58
CA SER C 118 -43.70 12.36 38.01
C SER C 118 -45.17 12.39 38.47
N HIS C 119 -45.48 11.66 39.55
CA HIS C 119 -46.83 11.54 40.19
C HIS C 119 -48.00 12.25 39.48
#